data_2EPS
#
_entry.id   2EPS
#
loop_
_entity.id
_entity.type
_entity.pdbx_description
1 polymer 'POZ-, AT hook-, and zinc finger-containing protein 1'
2 non-polymer 'ZINC ION'
#
_entity_poly.entity_id   1
_entity_poly.type   'polypeptide(L)'
_entity_poly.pdbx_seq_one_letter_code
;GSSGSSGSVGKPYICQSCGKGFSRPDHLNGHIKQVHTSERPHKCQVWVSGPSSG
;
_entity_poly.pdbx_strand_id   A
#
# COMPACT_ATOMS: atom_id res chain seq x y z
N GLY A 1 -2.55 22.74 19.10
CA GLY A 1 -2.35 21.30 19.21
C GLY A 1 -2.22 20.63 17.85
N SER A 2 -1.38 21.20 16.99
CA SER A 2 -1.17 20.66 15.65
C SER A 2 -0.07 19.59 15.67
N SER A 3 1.14 20.02 16.00
CA SER A 3 2.27 19.10 16.05
C SER A 3 2.27 18.16 14.85
N GLY A 4 2.01 18.73 13.67
CA GLY A 4 1.97 17.92 12.47
C GLY A 4 1.78 18.76 11.22
N SER A 5 1.00 18.25 10.27
CA SER A 5 0.75 18.96 9.02
C SER A 5 2.05 19.19 8.25
N SER A 6 2.85 18.14 8.15
CA SER A 6 4.13 18.22 7.45
C SER A 6 4.44 16.91 6.74
N GLY A 7 5.37 16.96 5.79
CA GLY A 7 5.75 15.77 5.04
C GLY A 7 7.22 15.43 5.20
N SER A 8 7.82 14.93 4.13
CA SER A 8 9.23 14.56 4.16
C SER A 8 9.97 15.20 2.99
N VAL A 9 11.13 15.79 3.29
CA VAL A 9 11.94 16.44 2.27
C VAL A 9 12.93 15.45 1.65
N GLY A 10 12.51 14.84 0.55
CA GLY A 10 13.36 13.88 -0.13
C GLY A 10 12.57 12.87 -0.94
N LYS A 11 11.86 11.98 -0.27
CA LYS A 11 11.06 10.97 -0.94
C LYS A 11 9.58 11.35 -0.92
N PRO A 12 9.11 11.94 -2.03
CA PRO A 12 7.71 12.37 -2.17
C PRO A 12 6.76 11.17 -2.29
N TYR A 13 7.11 10.23 -3.15
CA TYR A 13 6.29 9.04 -3.37
C TYR A 13 6.11 8.26 -2.06
N ILE A 14 5.02 8.55 -1.35
CA ILE A 14 4.73 7.88 -0.10
C ILE A 14 3.70 6.77 -0.29
N CYS A 15 4.05 5.56 0.15
CA CYS A 15 3.15 4.42 0.02
C CYS A 15 1.79 4.73 0.62
N GLN A 16 0.72 4.42 -0.13
CA GLN A 16 -0.63 4.68 0.34
C GLN A 16 -1.19 3.47 1.07
N SER A 17 -0.30 2.60 1.55
CA SER A 17 -0.71 1.39 2.26
C SER A 17 -0.21 1.44 3.70
N CYS A 18 1.07 1.74 3.88
CA CYS A 18 1.67 1.82 5.21
C CYS A 18 2.12 3.24 5.53
N GLY A 19 2.71 3.90 4.54
CA GLY A 19 3.18 5.26 4.74
C GLY A 19 4.63 5.44 4.34
N LYS A 20 5.26 4.35 3.91
CA LYS A 20 6.66 4.39 3.51
C LYS A 20 6.90 5.51 2.50
N GLY A 21 8.15 5.64 2.06
CA GLY A 21 8.49 6.68 1.10
C GLY A 21 9.60 6.26 0.16
N PHE A 22 9.52 6.69 -1.09
CA PHE A 22 10.53 6.34 -2.09
C PHE A 22 10.83 7.55 -2.98
N SER A 23 11.88 7.42 -3.79
CA SER A 23 12.28 8.49 -4.70
C SER A 23 11.77 8.22 -6.11
N ARG A 24 11.70 6.95 -6.47
CA ARG A 24 11.23 6.56 -7.80
C ARG A 24 9.87 5.88 -7.72
N PRO A 25 9.12 5.93 -8.83
CA PRO A 25 7.78 5.32 -8.91
C PRO A 25 7.85 3.79 -8.90
N ASP A 26 8.76 3.24 -9.69
CA ASP A 26 8.92 1.79 -9.78
C ASP A 26 9.41 1.22 -8.45
N HIS A 27 10.33 1.93 -7.80
CA HIS A 27 10.88 1.50 -6.53
C HIS A 27 9.76 1.25 -5.52
N LEU A 28 8.90 2.25 -5.33
CA LEU A 28 7.79 2.13 -4.39
C LEU A 28 6.86 1.00 -4.78
N ASN A 29 6.55 0.91 -6.07
CA ASN A 29 5.66 -0.13 -6.58
C ASN A 29 6.10 -1.50 -6.08
N GLY A 30 7.36 -1.85 -6.34
CA GLY A 30 7.89 -3.13 -5.91
C GLY A 30 7.56 -3.44 -4.47
N HIS A 31 7.66 -2.43 -3.61
CA HIS A 31 7.37 -2.60 -2.20
C HIS A 31 5.90 -2.95 -1.97
N ILE A 32 5.03 -2.27 -2.72
CA ILE A 32 3.59 -2.51 -2.61
C ILE A 32 3.20 -3.84 -3.24
N LYS A 33 4.08 -4.35 -4.09
CA LYS A 33 3.83 -5.63 -4.77
C LYS A 33 4.73 -6.72 -4.21
N GLN A 34 5.55 -6.37 -3.23
CA GLN A 34 6.46 -7.33 -2.61
C GLN A 34 6.18 -7.48 -1.13
N VAL A 35 5.64 -6.42 -0.52
CA VAL A 35 5.31 -6.43 0.90
C VAL A 35 3.81 -6.38 1.12
N HIS A 36 3.13 -5.54 0.34
CA HIS A 36 1.68 -5.39 0.45
C HIS A 36 0.97 -6.39 -0.45
N THR A 37 1.66 -6.85 -1.48
CA THR A 37 1.10 -7.81 -2.43
C THR A 37 0.26 -8.86 -1.70
N SER A 38 -0.97 -9.06 -2.17
CA SER A 38 -1.87 -10.04 -1.57
C SER A 38 -3.04 -10.34 -2.50
N GLU A 39 -3.87 -11.31 -2.10
CA GLU A 39 -5.03 -11.70 -2.90
C GLU A 39 -6.32 -11.31 -2.20
N ARG A 40 -7.29 -10.85 -2.99
CA ARG A 40 -8.58 -10.43 -2.44
C ARG A 40 -9.72 -10.95 -3.31
N PRO A 41 -10.84 -11.33 -2.66
CA PRO A 41 -12.03 -11.84 -3.35
C PRO A 41 -12.74 -10.76 -4.17
N HIS A 42 -13.38 -11.17 -5.26
CA HIS A 42 -14.10 -10.25 -6.11
C HIS A 42 -15.54 -10.71 -6.32
N LYS A 43 -16.36 -9.83 -6.89
CA LYS A 43 -17.76 -10.14 -7.14
C LYS A 43 -17.89 -11.38 -8.02
N CYS A 44 -19.13 -11.82 -8.21
CA CYS A 44 -19.38 -13.01 -9.03
C CYS A 44 -19.36 -12.67 -10.51
N GLN A 45 -18.40 -11.85 -10.91
CA GLN A 45 -18.26 -11.45 -12.30
C GLN A 45 -19.52 -10.70 -12.77
N VAL A 46 -20.10 -9.92 -11.87
CA VAL A 46 -21.30 -9.15 -12.19
C VAL A 46 -21.67 -8.21 -11.05
N TRP A 47 -22.30 -7.09 -11.40
CA TRP A 47 -22.71 -6.11 -10.40
C TRP A 47 -23.64 -6.75 -9.37
N VAL A 48 -24.78 -7.23 -9.83
CA VAL A 48 -25.75 -7.87 -8.95
C VAL A 48 -26.05 -9.30 -9.38
N SER A 49 -26.04 -10.22 -8.42
CA SER A 49 -26.30 -11.63 -8.71
C SER A 49 -27.62 -12.07 -8.10
N GLY A 50 -27.90 -11.58 -6.89
CA GLY A 50 -29.13 -11.93 -6.21
C GLY A 50 -30.36 -11.52 -6.99
N PRO A 51 -31.50 -11.38 -6.28
CA PRO A 51 -32.77 -10.99 -6.90
C PRO A 51 -32.77 -9.54 -7.35
N SER A 52 -32.13 -8.67 -6.58
CA SER A 52 -32.06 -7.25 -6.90
C SER A 52 -31.11 -6.52 -5.95
N SER A 53 -30.77 -5.29 -6.30
CA SER A 53 -29.87 -4.48 -5.48
C SER A 53 -29.76 -3.07 -6.03
N GLY A 54 -29.27 -2.15 -5.20
CA GLY A 54 -29.13 -0.77 -5.62
C GLY A 54 -29.46 0.21 -4.51
N GLY A 1 14.59 18.60 26.25
CA GLY A 1 15.20 19.08 25.03
C GLY A 1 14.63 18.42 23.80
N SER A 2 15.36 17.44 23.26
CA SER A 2 14.93 16.73 22.07
C SER A 2 15.13 15.23 22.23
N SER A 3 14.71 14.47 21.22
CA SER A 3 14.83 13.01 21.26
C SER A 3 15.84 12.53 20.21
N GLY A 4 15.61 12.92 18.96
CA GLY A 4 16.50 12.52 17.89
C GLY A 4 15.87 11.50 16.97
N SER A 5 14.86 11.92 16.20
CA SER A 5 14.17 11.04 15.29
C SER A 5 14.00 11.69 13.92
N SER A 6 13.56 12.95 13.92
CA SER A 6 13.35 13.69 12.69
C SER A 6 14.65 13.86 11.93
N GLY A 7 14.63 13.58 10.63
CA GLY A 7 15.82 13.70 9.81
C GLY A 7 15.53 14.32 8.46
N SER A 8 16.43 14.09 7.50
CA SER A 8 16.27 14.63 6.16
C SER A 8 15.26 13.80 5.36
N VAL A 9 14.43 14.48 4.58
CA VAL A 9 13.43 13.81 3.76
C VAL A 9 13.61 14.14 2.28
N GLY A 10 13.57 13.10 1.45
CA GLY A 10 13.73 13.32 0.02
C GLY A 10 12.98 12.28 -0.80
N LYS A 11 11.85 11.82 -0.27
CA LYS A 11 11.04 10.83 -0.97
C LYS A 11 9.57 11.24 -0.97
N PRO A 12 9.12 11.82 -2.09
CA PRO A 12 7.73 12.28 -2.25
C PRO A 12 6.75 11.11 -2.35
N TYR A 13 7.10 10.13 -3.19
CA TYR A 13 6.24 8.96 -3.38
C TYR A 13 6.07 8.19 -2.07
N ILE A 14 5.02 8.51 -1.34
CA ILE A 14 4.73 7.84 -0.08
C ILE A 14 3.69 6.73 -0.25
N CYS A 15 4.02 5.56 0.26
CA CYS A 15 3.12 4.41 0.16
C CYS A 15 1.75 4.74 0.74
N GLN A 16 0.71 4.39 0.00
CA GLN A 16 -0.66 4.66 0.44
C GLN A 16 -1.23 3.46 1.19
N SER A 17 -0.35 2.61 1.70
CA SER A 17 -0.76 1.42 2.44
C SER A 17 -0.25 1.47 3.87
N CYS A 18 1.04 1.77 4.03
CA CYS A 18 1.65 1.85 5.34
C CYS A 18 2.13 3.27 5.65
N GLY A 19 2.67 3.93 4.63
CA GLY A 19 3.16 5.29 4.80
C GLY A 19 4.62 5.43 4.44
N LYS A 20 5.20 4.38 3.88
CA LYS A 20 6.61 4.39 3.49
C LYS A 20 6.88 5.51 2.50
N GLY A 21 8.14 5.62 2.07
CA GLY A 21 8.52 6.65 1.13
C GLY A 21 9.62 6.21 0.18
N PHE A 22 9.55 6.66 -1.06
CA PHE A 22 10.55 6.30 -2.06
C PHE A 22 10.92 7.50 -2.92
N SER A 23 11.78 7.29 -3.90
CA SER A 23 12.22 8.35 -4.79
C SER A 23 11.71 8.12 -6.21
N ARG A 24 11.65 6.86 -6.61
CA ARG A 24 11.18 6.50 -7.94
C ARG A 24 9.84 5.77 -7.88
N PRO A 25 9.07 5.85 -8.97
CA PRO A 25 7.75 5.20 -9.05
C PRO A 25 7.86 3.68 -9.10
N ASP A 26 8.95 3.18 -9.66
CA ASP A 26 9.17 1.75 -9.76
C ASP A 26 9.67 1.18 -8.44
N HIS A 27 10.42 1.98 -7.70
CA HIS A 27 10.98 1.55 -6.42
C HIS A 27 9.86 1.30 -5.41
N LEU A 28 8.97 2.28 -5.27
CA LEU A 28 7.85 2.17 -4.34
C LEU A 28 6.91 1.04 -4.74
N ASN A 29 6.61 0.96 -6.03
CA ASN A 29 5.73 -0.08 -6.54
C ASN A 29 6.16 -1.45 -6.06
N GLY A 30 7.44 -1.78 -6.27
CA GLY A 30 7.95 -3.08 -5.85
C GLY A 30 7.59 -3.39 -4.41
N HIS A 31 7.64 -2.38 -3.55
CA HIS A 31 7.31 -2.57 -2.14
C HIS A 31 5.83 -2.88 -1.95
N ILE A 32 4.99 -2.17 -2.68
CA ILE A 32 3.54 -2.38 -2.61
C ILE A 32 3.14 -3.67 -3.29
N LYS A 33 4.01 -4.18 -4.15
CA LYS A 33 3.75 -5.43 -4.87
C LYS A 33 4.63 -6.56 -4.34
N GLN A 34 5.44 -6.25 -3.33
CA GLN A 34 6.32 -7.24 -2.74
C GLN A 34 6.01 -7.43 -1.26
N VAL A 35 5.50 -6.38 -0.62
CA VAL A 35 5.16 -6.44 0.79
C VAL A 35 3.66 -6.34 1.00
N HIS A 36 3.02 -5.45 0.24
CA HIS A 36 1.58 -5.25 0.34
C HIS A 36 0.83 -6.19 -0.61
N THR A 37 1.56 -6.73 -1.58
CA THR A 37 0.97 -7.64 -2.56
C THR A 37 0.13 -8.71 -1.87
N SER A 38 -1.08 -8.93 -2.39
CA SER A 38 -1.98 -9.93 -1.82
C SER A 38 -1.27 -11.28 -1.65
N GLU A 39 -1.65 -12.01 -0.60
CA GLU A 39 -1.05 -13.31 -0.33
C GLU A 39 -2.12 -14.39 -0.25
N ARG A 40 -1.68 -15.64 -0.32
CA ARG A 40 -2.60 -16.78 -0.25
C ARG A 40 -3.18 -16.92 1.14
N PRO A 41 -4.46 -17.35 1.22
CA PRO A 41 -5.16 -17.53 2.49
C PRO A 41 -4.62 -18.72 3.28
N HIS A 42 -3.74 -18.45 4.24
CA HIS A 42 -3.15 -19.50 5.06
C HIS A 42 -4.01 -19.77 6.29
N LYS A 43 -3.91 -20.98 6.83
CA LYS A 43 -4.67 -21.36 8.00
C LYS A 43 -4.64 -20.26 9.06
N CYS A 44 -5.82 -19.81 9.48
CA CYS A 44 -5.94 -18.77 10.48
C CYS A 44 -6.87 -19.18 11.61
N GLN A 45 -6.80 -18.47 12.72
CA GLN A 45 -7.64 -18.77 13.88
C GLN A 45 -9.01 -18.14 13.73
N VAL A 46 -10.03 -18.82 14.25
CA VAL A 46 -11.41 -18.32 14.17
C VAL A 46 -11.48 -16.86 14.62
N TRP A 47 -12.25 -16.07 13.88
CA TRP A 47 -12.41 -14.65 14.19
C TRP A 47 -13.52 -14.45 15.22
N VAL A 48 -14.67 -15.08 14.98
CA VAL A 48 -15.80 -14.97 15.88
C VAL A 48 -16.65 -16.24 15.86
N SER A 49 -17.27 -16.55 17.00
CA SER A 49 -18.10 -17.74 17.11
C SER A 49 -19.27 -17.69 16.12
N GLY A 50 -19.96 -18.81 16.00
CA GLY A 50 -21.09 -18.88 15.08
C GLY A 50 -22.33 -18.17 15.62
N PRO A 51 -23.51 -18.55 15.11
CA PRO A 51 -24.78 -17.95 15.52
C PRO A 51 -25.16 -18.35 16.95
N SER A 52 -25.84 -17.45 17.64
CA SER A 52 -26.28 -17.72 19.01
C SER A 52 -27.45 -16.82 19.39
N SER A 53 -28.16 -17.21 20.46
CA SER A 53 -29.31 -16.45 20.91
C SER A 53 -28.87 -15.21 21.70
N GLY A 54 -29.13 -14.04 21.13
CA GLY A 54 -28.75 -12.80 21.77
C GLY A 54 -28.13 -11.80 20.81
N GLY A 1 8.52 3.01 27.01
CA GLY A 1 7.20 2.42 27.13
C GLY A 1 6.50 2.29 25.79
N SER A 2 6.14 3.42 25.19
CA SER A 2 5.46 3.42 23.90
C SER A 2 5.41 4.83 23.32
N SER A 3 5.93 4.99 22.11
CA SER A 3 5.93 6.29 21.45
C SER A 3 6.05 6.12 19.93
N GLY A 4 5.60 7.14 19.20
CA GLY A 4 5.66 7.09 17.75
C GLY A 4 6.39 8.27 17.16
N SER A 5 7.32 8.00 16.25
CA SER A 5 8.11 9.06 15.61
C SER A 5 8.13 8.86 14.10
N SER A 6 7.50 9.77 13.37
CA SER A 6 7.45 9.70 11.92
C SER A 6 7.71 11.08 11.30
N GLY A 7 7.79 11.11 9.97
CA GLY A 7 8.04 12.36 9.27
C GLY A 7 9.02 12.21 8.14
N SER A 8 8.60 11.51 7.08
CA SER A 8 9.45 11.29 5.92
C SER A 8 9.64 12.59 5.13
N VAL A 9 10.67 13.33 5.48
CA VAL A 9 10.97 14.59 4.81
C VAL A 9 12.05 14.41 3.74
N GLY A 10 11.61 14.08 2.53
CA GLY A 10 12.54 13.87 1.43
C GLY A 10 11.89 13.21 0.24
N LYS A 11 11.53 11.94 0.38
CA LYS A 11 10.90 11.20 -0.69
C LYS A 11 9.41 11.53 -0.79
N PRO A 12 8.99 12.07 -1.94
CA PRO A 12 7.59 12.43 -2.17
C PRO A 12 6.68 11.21 -2.30
N TYR A 13 7.12 10.23 -3.09
CA TYR A 13 6.34 9.01 -3.30
C TYR A 13 6.16 8.26 -1.98
N ILE A 14 5.04 8.48 -1.32
CA ILE A 14 4.74 7.83 -0.06
C ILE A 14 3.68 6.74 -0.24
N CYS A 15 4.02 5.53 0.17
CA CYS A 15 3.10 4.40 0.07
C CYS A 15 1.74 4.75 0.66
N GLN A 16 0.68 4.52 -0.11
CA GLN A 16 -0.67 4.81 0.35
C GLN A 16 -1.27 3.60 1.06
N SER A 17 -0.42 2.68 1.50
CA SER A 17 -0.86 1.49 2.18
C SER A 17 -0.36 1.47 3.63
N CYS A 18 0.92 1.78 3.81
CA CYS A 18 1.52 1.81 5.14
C CYS A 18 2.00 3.21 5.49
N GLY A 19 2.74 3.83 4.57
CA GLY A 19 3.25 5.16 4.82
C GLY A 19 4.70 5.32 4.39
N LYS A 20 5.29 4.23 3.91
CA LYS A 20 6.69 4.24 3.47
C LYS A 20 6.92 5.35 2.44
N GLY A 21 8.18 5.52 2.05
CA GLY A 21 8.51 6.54 1.07
C GLY A 21 9.61 6.11 0.13
N PHE A 22 9.53 6.56 -1.12
CA PHE A 22 10.53 6.20 -2.12
C PHE A 22 10.84 7.40 -3.02
N SER A 23 11.96 7.32 -3.73
CA SER A 23 12.37 8.39 -4.63
C SER A 23 11.97 8.09 -6.07
N ARG A 24 11.88 6.81 -6.39
CA ARG A 24 11.49 6.38 -7.73
C ARG A 24 10.10 5.77 -7.73
N PRO A 25 9.38 5.92 -8.85
CA PRO A 25 8.03 5.39 -9.01
C PRO A 25 8.01 3.86 -9.10
N ASP A 26 9.06 3.30 -9.68
CA ASP A 26 9.16 1.85 -9.84
C ASP A 26 9.56 1.20 -8.51
N HIS A 27 10.45 1.86 -7.78
CA HIS A 27 10.92 1.35 -6.49
C HIS A 27 9.75 1.14 -5.53
N LEU A 28 8.94 2.17 -5.35
CA LEU A 28 7.79 2.11 -4.47
C LEU A 28 6.84 0.99 -4.89
N ASN A 29 6.55 0.93 -6.18
CA ASN A 29 5.66 -0.11 -6.71
C ASN A 29 6.06 -1.49 -6.22
N GLY A 30 7.34 -1.83 -6.41
CA GLY A 30 7.83 -3.13 -5.98
C GLY A 30 7.45 -3.44 -4.55
N HIS A 31 7.52 -2.43 -3.69
CA HIS A 31 7.19 -2.61 -2.27
C HIS A 31 5.70 -2.92 -2.11
N ILE A 32 4.86 -2.21 -2.84
CA ILE A 32 3.42 -2.40 -2.78
C ILE A 32 3.02 -3.71 -3.45
N LYS A 33 3.89 -4.21 -4.32
CA LYS A 33 3.63 -5.46 -5.03
C LYS A 33 4.50 -6.59 -4.50
N GLN A 34 5.31 -6.27 -3.49
CA GLN A 34 6.19 -7.27 -2.88
C GLN A 34 5.89 -7.45 -1.40
N VAL A 35 5.34 -6.40 -0.79
CA VAL A 35 5.00 -6.44 0.63
C VAL A 35 3.48 -6.35 0.83
N HIS A 36 2.84 -5.49 0.05
CA HIS A 36 1.39 -5.29 0.14
C HIS A 36 0.67 -6.25 -0.81
N THR A 37 1.39 -6.75 -1.80
CA THR A 37 0.81 -7.67 -2.78
C THR A 37 -0.04 -8.74 -2.09
N SER A 38 0.50 -9.31 -1.01
CA SER A 38 -0.19 -10.36 -0.27
C SER A 38 -1.64 -9.94 0.01
N GLU A 39 -2.56 -10.45 -0.81
CA GLU A 39 -3.98 -10.14 -0.64
C GLU A 39 -4.76 -11.39 -0.27
N ARG A 40 -5.63 -11.26 0.74
CA ARG A 40 -6.45 -12.37 1.19
C ARG A 40 -7.12 -13.07 0.01
N PRO A 41 -7.23 -14.41 0.11
CA PRO A 41 -7.85 -15.23 -0.95
C PRO A 41 -9.36 -15.00 -1.05
N HIS A 42 -9.96 -15.52 -2.12
CA HIS A 42 -11.39 -15.37 -2.34
C HIS A 42 -12.14 -16.63 -1.91
N LYS A 43 -13.20 -16.44 -1.14
CA LYS A 43 -14.01 -17.56 -0.66
C LYS A 43 -14.89 -18.12 -1.77
N CYS A 44 -15.77 -17.27 -2.31
CA CYS A 44 -16.66 -17.68 -3.37
C CYS A 44 -17.42 -16.48 -3.93
N GLN A 45 -18.02 -16.66 -5.10
CA GLN A 45 -18.77 -15.58 -5.75
C GLN A 45 -20.27 -15.72 -5.46
N VAL A 46 -20.72 -15.11 -4.38
CA VAL A 46 -22.13 -15.17 -4.00
C VAL A 46 -22.63 -13.80 -3.54
N TRP A 47 -23.84 -13.45 -3.96
CA TRP A 47 -24.43 -12.16 -3.60
C TRP A 47 -25.85 -12.36 -3.08
N VAL A 48 -26.16 -11.70 -1.96
CA VAL A 48 -27.49 -11.79 -1.37
C VAL A 48 -28.56 -11.93 -2.43
N SER A 49 -29.16 -13.11 -2.52
CA SER A 49 -30.20 -13.37 -3.51
C SER A 49 -31.54 -12.80 -3.05
N GLY A 50 -31.93 -11.66 -3.61
CA GLY A 50 -33.17 -11.04 -3.25
C GLY A 50 -34.16 -10.98 -4.40
N PRO A 51 -34.18 -9.84 -5.12
CA PRO A 51 -35.07 -9.64 -6.26
C PRO A 51 -34.69 -10.51 -7.45
N SER A 52 -35.46 -11.58 -7.67
CA SER A 52 -35.19 -12.49 -8.77
C SER A 52 -35.80 -11.96 -10.07
N SER A 53 -35.66 -10.65 -10.30
CA SER A 53 -36.21 -10.02 -11.49
C SER A 53 -35.13 -9.20 -12.20
N GLY A 54 -35.17 -9.20 -13.53
CA GLY A 54 -34.19 -8.45 -14.30
C GLY A 54 -34.69 -8.11 -15.69
N GLY A 1 0.98 6.07 13.92
CA GLY A 1 1.57 7.39 13.76
C GLY A 1 0.55 8.46 13.47
N SER A 2 0.26 9.30 14.47
CA SER A 2 -0.71 10.37 14.32
C SER A 2 -0.50 11.11 12.99
N SER A 3 -1.53 11.82 12.56
CA SER A 3 -1.47 12.57 11.31
C SER A 3 -0.48 13.72 11.41
N GLY A 4 0.44 13.79 10.46
CA GLY A 4 1.44 14.85 10.45
C GLY A 4 2.51 14.64 9.41
N SER A 5 2.61 15.58 8.47
CA SER A 5 3.60 15.49 7.40
C SER A 5 4.05 16.88 6.96
N SER A 6 5.36 17.06 6.83
CA SER A 6 5.92 18.34 6.43
C SER A 6 6.55 18.24 5.04
N GLY A 7 5.90 17.49 4.16
CA GLY A 7 6.42 17.32 2.81
C GLY A 7 7.87 16.91 2.79
N SER A 8 8.12 15.63 2.56
CA SER A 8 9.49 15.10 2.52
C SER A 8 10.19 15.51 1.23
N VAL A 9 11.30 16.23 1.38
CA VAL A 9 12.08 16.69 0.22
C VAL A 9 12.92 15.56 -0.35
N GLY A 10 13.06 14.48 0.41
CA GLY A 10 13.85 13.34 -0.04
C GLY A 10 13.02 12.35 -0.84
N LYS A 11 12.10 11.68 -0.16
CA LYS A 11 11.24 10.69 -0.81
C LYS A 11 9.79 11.16 -0.83
N PRO A 12 9.37 11.78 -1.93
CA PRO A 12 8.00 12.29 -2.09
C PRO A 12 6.98 11.16 -2.23
N TYR A 13 7.29 10.19 -3.08
CA TYR A 13 6.41 9.06 -3.31
C TYR A 13 6.18 8.28 -2.02
N ILE A 14 5.10 8.61 -1.31
CA ILE A 14 4.77 7.94 -0.07
C ILE A 14 3.72 6.85 -0.29
N CYS A 15 4.01 5.64 0.19
CA CYS A 15 3.10 4.51 0.04
C CYS A 15 1.77 4.81 0.70
N GLN A 16 0.68 4.53 -0.02
CA GLN A 16 -0.66 4.77 0.50
C GLN A 16 -1.20 3.54 1.20
N SER A 17 -0.38 2.49 1.28
CA SER A 17 -0.78 1.25 1.93
C SER A 17 -0.35 1.23 3.39
N CYS A 18 0.87 1.69 3.64
CA CYS A 18 1.41 1.73 4.99
C CYS A 18 1.85 3.14 5.37
N GLY A 19 2.57 3.79 4.46
CA GLY A 19 3.04 5.14 4.71
C GLY A 19 4.50 5.32 4.38
N LYS A 20 5.11 4.28 3.83
CA LYS A 20 6.52 4.33 3.47
C LYS A 20 6.80 5.45 2.48
N GLY A 21 8.06 5.61 2.10
CA GLY A 21 8.43 6.65 1.16
C GLY A 21 9.55 6.23 0.24
N PHE A 22 9.49 6.66 -1.02
CA PHE A 22 10.51 6.32 -2.01
C PHE A 22 10.85 7.53 -2.88
N SER A 23 11.91 7.39 -3.66
CA SER A 23 12.35 8.48 -4.54
C SER A 23 11.91 8.22 -5.97
N ARG A 24 11.78 6.95 -6.33
CA ARG A 24 11.37 6.56 -7.67
C ARG A 24 10.01 5.89 -7.66
N PRO A 25 9.29 5.98 -8.79
CA PRO A 25 7.96 5.38 -8.92
C PRO A 25 8.00 3.86 -8.95
N ASP A 26 8.91 3.30 -9.75
CA ASP A 26 9.06 1.85 -9.86
C ASP A 26 9.50 1.25 -8.53
N HIS A 27 10.37 1.97 -7.82
CA HIS A 27 10.87 1.51 -6.54
C HIS A 27 9.74 1.27 -5.56
N LEU A 28 8.90 2.29 -5.36
CA LEU A 28 7.77 2.20 -4.45
C LEU A 28 6.82 1.09 -4.87
N ASN A 29 6.54 1.02 -6.17
CA ASN A 29 5.65 0.00 -6.70
C ASN A 29 6.05 -1.39 -6.22
N GLY A 30 7.31 -1.75 -6.45
CA GLY A 30 7.80 -3.04 -6.04
C GLY A 30 7.44 -3.37 -4.60
N HIS A 31 7.54 -2.37 -3.73
CA HIS A 31 7.21 -2.56 -2.32
C HIS A 31 5.73 -2.87 -2.14
N ILE A 32 4.88 -2.18 -2.89
CA ILE A 32 3.44 -2.39 -2.82
C ILE A 32 3.04 -3.69 -3.48
N LYS A 33 3.92 -4.22 -4.34
CA LYS A 33 3.65 -5.47 -5.04
C LYS A 33 4.46 -6.61 -4.44
N GLN A 34 5.31 -6.28 -3.47
CA GLN A 34 6.14 -7.29 -2.81
C GLN A 34 5.77 -7.41 -1.33
N VAL A 35 5.23 -6.34 -0.77
CA VAL A 35 4.84 -6.33 0.64
C VAL A 35 3.33 -6.17 0.78
N HIS A 36 2.73 -5.42 -0.14
CA HIS A 36 1.29 -5.20 -0.11
C HIS A 36 0.58 -6.05 -1.16
N THR A 37 1.29 -7.06 -1.66
CA THR A 37 0.74 -7.95 -2.66
C THR A 37 0.02 -9.13 -2.02
N SER A 38 0.52 -9.57 -0.86
CA SER A 38 -0.07 -10.69 -0.15
C SER A 38 -1.05 -10.20 0.92
N GLU A 39 -0.62 -9.22 1.69
CA GLU A 39 -1.46 -8.66 2.76
C GLU A 39 -1.97 -7.27 2.37
N ARG A 40 -3.28 -7.05 2.54
CA ARG A 40 -3.88 -5.78 2.22
C ARG A 40 -5.18 -5.58 2.99
N PRO A 41 -5.54 -4.31 3.24
CA PRO A 41 -6.76 -3.96 3.98
C PRO A 41 -8.02 -4.25 3.18
N HIS A 42 -9.15 -3.76 3.67
CA HIS A 42 -10.44 -3.97 3.01
C HIS A 42 -10.59 -3.03 1.81
N LYS A 43 -11.01 -3.57 0.68
CA LYS A 43 -11.20 -2.78 -0.52
C LYS A 43 -12.60 -2.19 -0.58
N CYS A 44 -12.71 -0.95 -1.04
CA CYS A 44 -14.00 -0.27 -1.15
C CYS A 44 -14.10 0.52 -2.45
N GLN A 45 -15.19 0.32 -3.17
CA GLN A 45 -15.40 1.02 -4.43
C GLN A 45 -15.99 2.40 -4.20
N VAL A 46 -15.13 3.35 -3.83
CA VAL A 46 -15.57 4.72 -3.57
C VAL A 46 -15.07 5.66 -4.66
N TRP A 47 -13.83 5.47 -5.08
CA TRP A 47 -13.24 6.31 -6.13
C TRP A 47 -14.17 6.45 -7.31
N VAL A 48 -14.92 5.39 -7.59
CA VAL A 48 -15.86 5.39 -8.71
C VAL A 48 -16.90 4.28 -8.56
N SER A 49 -18.18 4.64 -8.72
CA SER A 49 -19.26 3.67 -8.59
C SER A 49 -20.22 3.77 -9.78
N GLY A 50 -19.98 2.96 -10.80
CA GLY A 50 -20.83 2.98 -11.98
C GLY A 50 -20.12 2.44 -13.20
N PRO A 51 -20.91 2.00 -14.19
CA PRO A 51 -20.37 1.44 -15.45
C PRO A 51 -19.72 2.52 -16.31
N SER A 52 -19.82 3.76 -15.88
CA SER A 52 -19.24 4.88 -16.63
C SER A 52 -17.81 4.57 -17.05
N SER A 53 -17.51 4.79 -18.32
CA SER A 53 -16.18 4.53 -18.85
C SER A 53 -15.65 5.73 -19.62
N GLY A 54 -14.33 5.87 -19.67
CA GLY A 54 -13.72 6.99 -20.37
C GLY A 54 -12.79 6.53 -21.47
N GLY A 1 13.22 18.60 24.15
CA GLY A 1 14.55 18.66 23.56
C GLY A 1 14.65 19.70 22.46
N SER A 2 15.86 19.87 21.93
CA SER A 2 16.09 20.85 20.86
C SER A 2 15.91 20.21 19.49
N SER A 3 15.81 21.05 18.47
CA SER A 3 15.63 20.57 17.10
C SER A 3 16.98 20.24 16.47
N GLY A 4 17.49 19.05 16.76
CA GLY A 4 18.76 18.64 16.21
C GLY A 4 18.68 17.29 15.51
N SER A 5 17.69 17.15 14.63
CA SER A 5 17.51 15.91 13.90
C SER A 5 16.71 16.14 12.62
N SER A 6 17.33 15.89 11.48
CA SER A 6 16.68 16.08 10.19
C SER A 6 15.71 14.95 9.90
N GLY A 7 14.45 15.31 9.65
CA GLY A 7 13.43 14.30 9.37
C GLY A 7 13.92 13.25 8.41
N SER A 8 13.67 13.46 7.12
CA SER A 8 14.08 12.50 6.10
C SER A 8 14.90 13.19 5.01
N VAL A 9 15.44 12.40 4.09
CA VAL A 9 16.24 12.94 3.00
C VAL A 9 15.38 13.71 2.00
N GLY A 10 14.42 13.01 1.39
CA GLY A 10 13.54 13.65 0.43
C GLY A 10 12.83 12.65 -0.46
N LYS A 11 11.84 11.97 0.11
CA LYS A 11 11.07 10.97 -0.63
C LYS A 11 9.60 11.37 -0.71
N PRO A 12 9.21 11.97 -1.85
CA PRO A 12 7.82 12.40 -2.08
C PRO A 12 6.86 11.24 -2.24
N TYR A 13 7.25 10.27 -3.07
CA TYR A 13 6.42 9.10 -3.32
C TYR A 13 6.22 8.29 -2.05
N ILE A 14 5.12 8.56 -1.36
CA ILE A 14 4.80 7.84 -0.12
C ILE A 14 3.73 6.78 -0.35
N CYS A 15 3.99 5.59 0.17
CA CYS A 15 3.05 4.48 0.03
C CYS A 15 1.67 4.85 0.59
N GLN A 16 0.64 4.64 -0.23
CA GLN A 16 -0.72 4.95 0.19
C GLN A 16 -1.34 3.79 0.96
N SER A 17 -0.49 2.94 1.52
CA SER A 17 -0.95 1.79 2.27
C SER A 17 -0.40 1.81 3.70
N CYS A 18 0.92 1.67 3.81
CA CYS A 18 1.57 1.67 5.12
C CYS A 18 2.04 3.07 5.49
N GLY A 19 2.60 3.78 4.51
CA GLY A 19 3.09 5.13 4.75
C GLY A 19 4.56 5.27 4.46
N LYS A 20 5.14 4.27 3.78
CA LYS A 20 6.55 4.30 3.43
C LYS A 20 6.85 5.43 2.45
N GLY A 21 8.11 5.54 2.04
CA GLY A 21 8.50 6.57 1.10
C GLY A 21 9.61 6.12 0.18
N PHE A 22 9.55 6.57 -1.08
CA PHE A 22 10.56 6.20 -2.07
C PHE A 22 10.92 7.40 -2.94
N SER A 23 12.04 7.30 -3.64
CA SER A 23 12.50 8.37 -4.51
C SER A 23 12.07 8.13 -5.95
N ARG A 24 11.84 6.86 -6.28
CA ARG A 24 11.42 6.49 -7.62
C ARG A 24 10.03 5.84 -7.61
N PRO A 25 9.31 5.96 -8.73
CA PRO A 25 7.96 5.39 -8.86
C PRO A 25 7.98 3.87 -8.92
N ASP A 26 8.96 3.32 -9.63
CA ASP A 26 9.09 1.88 -9.76
C ASP A 26 9.52 1.24 -8.44
N HIS A 27 10.46 1.88 -7.76
CA HIS A 27 10.96 1.39 -6.48
C HIS A 27 9.81 1.22 -5.49
N LEU A 28 8.92 2.19 -5.45
CA LEU A 28 7.79 2.15 -4.54
C LEU A 28 6.80 1.06 -4.95
N ASN A 29 6.52 0.98 -6.25
CA ASN A 29 5.59 -0.02 -6.77
C ASN A 29 5.98 -1.41 -6.29
N GLY A 30 7.23 -1.80 -6.53
CA GLY A 30 7.70 -3.10 -6.13
C GLY A 30 7.35 -3.42 -4.68
N HIS A 31 7.46 -2.42 -3.82
CA HIS A 31 7.16 -2.61 -2.40
C HIS A 31 5.68 -2.90 -2.19
N ILE A 32 4.84 -2.21 -2.96
CA ILE A 32 3.40 -2.41 -2.85
C ILE A 32 2.97 -3.71 -3.53
N LYS A 33 3.84 -4.24 -4.38
CA LYS A 33 3.55 -5.48 -5.09
C LYS A 33 4.39 -6.63 -4.53
N GLN A 34 5.24 -6.31 -3.55
CA GLN A 34 6.10 -7.32 -2.94
C GLN A 34 5.77 -7.47 -1.45
N VAL A 35 5.22 -6.41 -0.86
CA VAL A 35 4.87 -6.43 0.55
C VAL A 35 3.36 -6.28 0.74
N HIS A 36 2.75 -5.44 -0.09
CA HIS A 36 1.31 -5.20 -0.01
C HIS A 36 0.56 -6.13 -0.98
N THR A 37 1.30 -7.01 -1.64
CA THR A 37 0.71 -7.95 -2.58
C THR A 37 0.10 -9.15 -1.87
N SER A 38 0.81 -9.65 -0.86
CA SER A 38 0.34 -10.80 -0.09
C SER A 38 -0.93 -10.46 0.68
N GLU A 39 -1.66 -11.50 1.06
CA GLU A 39 -2.91 -11.31 1.81
C GLU A 39 -2.63 -11.05 3.28
N ARG A 40 -3.69 -10.75 4.03
CA ARG A 40 -3.56 -10.48 5.46
C ARG A 40 -4.80 -10.96 6.21
N PRO A 41 -4.58 -11.45 7.45
CA PRO A 41 -5.67 -11.95 8.29
C PRO A 41 -6.57 -10.82 8.80
N HIS A 42 -7.48 -11.16 9.71
CA HIS A 42 -8.40 -10.18 10.28
C HIS A 42 -9.12 -10.75 11.49
N LYS A 43 -9.93 -9.93 12.13
CA LYS A 43 -10.69 -10.34 13.31
C LYS A 43 -11.76 -11.36 12.93
N CYS A 44 -12.44 -11.90 13.94
CA CYS A 44 -13.48 -12.88 13.72
C CYS A 44 -14.38 -12.47 12.55
N GLN A 45 -15.13 -13.43 12.02
CA GLN A 45 -16.02 -13.16 10.90
C GLN A 45 -17.46 -13.49 11.27
N VAL A 46 -18.38 -13.22 10.34
CA VAL A 46 -19.80 -13.49 10.57
C VAL A 46 -20.17 -14.88 10.09
N TRP A 47 -21.44 -15.25 10.28
CA TRP A 47 -21.93 -16.55 9.87
C TRP A 47 -23.45 -16.60 9.90
N VAL A 48 -24.06 -16.80 8.73
CA VAL A 48 -25.51 -16.86 8.63
C VAL A 48 -26.18 -15.93 9.64
N SER A 49 -25.61 -14.75 9.81
CA SER A 49 -26.14 -13.77 10.75
C SER A 49 -27.17 -12.87 10.07
N GLY A 50 -28.41 -13.34 10.02
CA GLY A 50 -29.47 -12.58 9.40
C GLY A 50 -30.59 -12.23 10.36
N PRO A 51 -31.44 -13.22 10.66
CA PRO A 51 -32.57 -13.04 11.58
C PRO A 51 -32.12 -12.87 13.03
N SER A 52 -30.98 -13.47 13.37
CA SER A 52 -30.44 -13.39 14.72
C SER A 52 -30.25 -11.93 15.13
N SER A 53 -30.44 -11.66 16.41
CA SER A 53 -30.28 -10.30 16.94
C SER A 53 -28.81 -9.99 17.20
N GLY A 54 -27.97 -10.28 16.22
CA GLY A 54 -26.55 -10.02 16.36
C GLY A 54 -25.95 -9.38 15.12
N GLY A 1 -5.84 8.66 23.11
CA GLY A 1 -4.76 9.39 22.48
C GLY A 1 -3.45 8.64 22.50
N SER A 2 -2.46 9.15 21.79
CA SER A 2 -1.15 8.52 21.73
C SER A 2 -0.15 9.38 20.98
N SER A 3 1.13 9.17 21.24
CA SER A 3 2.18 9.95 20.59
C SER A 3 2.31 9.56 19.12
N GLY A 4 1.64 10.32 18.26
CA GLY A 4 1.68 10.04 16.83
C GLY A 4 2.11 11.25 16.02
N SER A 5 3.13 11.07 15.19
CA SER A 5 3.63 12.16 14.35
C SER A 5 4.57 11.63 13.27
N SER A 6 4.10 11.67 12.02
CA SER A 6 4.88 11.18 10.90
C SER A 6 4.80 12.14 9.72
N GLY A 7 5.95 12.51 9.17
CA GLY A 7 5.98 13.43 8.04
C GLY A 7 6.94 12.97 6.96
N SER A 8 6.53 13.14 5.70
CA SER A 8 7.36 12.74 4.57
C SER A 8 8.31 13.87 4.18
N VAL A 9 9.47 13.91 4.82
CA VAL A 9 10.47 14.93 4.53
C VAL A 9 11.58 14.38 3.65
N GLY A 10 11.41 14.50 2.34
CA GLY A 10 12.40 14.02 1.40
C GLY A 10 11.78 13.37 0.19
N LYS A 11 11.44 12.09 0.31
CA LYS A 11 10.83 11.35 -0.79
C LYS A 11 9.33 11.65 -0.90
N PRO A 12 8.92 12.14 -2.07
CA PRO A 12 7.51 12.49 -2.32
C PRO A 12 6.62 11.25 -2.42
N TYR A 13 7.07 10.25 -3.17
CA TYR A 13 6.32 9.02 -3.35
C TYR A 13 6.17 8.28 -2.02
N ILE A 14 5.03 8.48 -1.36
CA ILE A 14 4.77 7.84 -0.09
C ILE A 14 3.71 6.74 -0.23
N CYS A 15 4.06 5.53 0.20
CA CYS A 15 3.15 4.40 0.12
C CYS A 15 1.80 4.74 0.75
N GLN A 16 0.73 4.53 -0.02
CA GLN A 16 -0.62 4.82 0.46
C GLN A 16 -1.20 3.61 1.20
N SER A 17 -0.32 2.74 1.68
CA SER A 17 -0.75 1.55 2.40
C SER A 17 -0.22 1.57 3.84
N CYS A 18 1.08 1.78 3.98
CA CYS A 18 1.71 1.82 5.30
C CYS A 18 2.17 3.23 5.63
N GLY A 19 2.85 3.87 4.68
CA GLY A 19 3.34 5.22 4.89
C GLY A 19 4.80 5.37 4.53
N LYS A 20 5.35 4.36 3.86
CA LYS A 20 6.75 4.38 3.46
C LYS A 20 7.00 5.50 2.44
N GLY A 21 8.25 5.60 1.99
CA GLY A 21 8.61 6.62 1.02
C GLY A 21 9.69 6.17 0.07
N PHE A 22 9.57 6.59 -1.19
CA PHE A 22 10.55 6.21 -2.22
C PHE A 22 10.87 7.41 -3.12
N SER A 23 12.01 7.33 -3.79
CA SER A 23 12.45 8.40 -4.69
C SER A 23 11.97 8.14 -6.11
N ARG A 24 11.84 6.87 -6.46
CA ARG A 24 11.39 6.49 -7.80
C ARG A 24 10.02 5.83 -7.75
N PRO A 25 9.29 5.90 -8.87
CA PRO A 25 7.94 5.32 -8.97
C PRO A 25 7.98 3.80 -8.97
N ASP A 26 8.90 3.22 -9.74
CA ASP A 26 9.03 1.78 -9.82
C ASP A 26 9.49 1.20 -8.50
N HIS A 27 10.39 1.90 -7.82
CA HIS A 27 10.92 1.45 -6.54
C HIS A 27 9.80 1.24 -5.53
N LEU A 28 8.92 2.22 -5.42
CA LEU A 28 7.79 2.13 -4.49
C LEU A 28 6.85 0.99 -4.88
N ASN A 29 6.53 0.91 -6.17
CA ASN A 29 5.65 -0.13 -6.67
C ASN A 29 6.08 -1.51 -6.17
N GLY A 30 7.34 -1.84 -6.40
CA GLY A 30 7.86 -3.13 -5.97
C GLY A 30 7.54 -3.41 -4.51
N HIS A 31 7.65 -2.40 -3.66
CA HIS A 31 7.37 -2.56 -2.24
C HIS A 31 5.90 -2.88 -2.02
N ILE A 32 5.03 -2.21 -2.77
CA ILE A 32 3.59 -2.43 -2.64
C ILE A 32 3.18 -3.77 -3.26
N LYS A 33 4.03 -4.29 -4.14
CA LYS A 33 3.76 -5.57 -4.79
C LYS A 33 4.61 -6.67 -4.18
N GLN A 34 5.46 -6.31 -3.22
CA GLN A 34 6.33 -7.28 -2.56
C GLN A 34 5.96 -7.41 -1.09
N VAL A 35 5.44 -6.33 -0.51
CA VAL A 35 5.05 -6.33 0.89
C VAL A 35 3.54 -6.19 1.05
N HIS A 36 2.93 -5.38 0.18
CA HIS A 36 1.50 -5.15 0.22
C HIS A 36 0.78 -6.05 -0.79
N THR A 37 1.50 -7.03 -1.32
CA THR A 37 0.94 -7.95 -2.30
C THR A 37 0.25 -9.12 -1.62
N SER A 38 -0.97 -9.44 -2.06
CA SER A 38 -1.74 -10.52 -1.49
C SER A 38 -2.41 -11.35 -2.58
N GLU A 39 -2.25 -12.67 -2.51
CA GLU A 39 -2.84 -13.56 -3.50
C GLU A 39 -4.21 -14.06 -3.02
N ARG A 40 -5.17 -14.10 -3.95
CA ARG A 40 -6.51 -14.55 -3.63
C ARG A 40 -7.32 -14.78 -4.90
N PRO A 41 -8.19 -15.82 -4.87
CA PRO A 41 -9.04 -16.17 -6.01
C PRO A 41 -10.13 -15.13 -6.26
N HIS A 42 -10.99 -15.41 -7.24
CA HIS A 42 -12.08 -14.50 -7.58
C HIS A 42 -12.98 -14.26 -6.36
N LYS A 43 -12.81 -13.10 -5.74
CA LYS A 43 -13.61 -12.75 -4.57
C LYS A 43 -14.54 -11.58 -4.88
N CYS A 44 -15.80 -11.89 -5.18
CA CYS A 44 -16.78 -10.87 -5.49
C CYS A 44 -17.30 -10.20 -4.22
N GLN A 45 -17.09 -8.89 -4.12
CA GLN A 45 -17.52 -8.13 -2.95
C GLN A 45 -18.76 -7.31 -3.27
N VAL A 46 -19.94 -7.86 -2.95
CA VAL A 46 -21.19 -7.17 -3.21
C VAL A 46 -22.35 -7.87 -2.52
N TRP A 47 -23.24 -7.09 -1.91
CA TRP A 47 -24.39 -7.64 -1.21
C TRP A 47 -25.69 -7.33 -1.97
N VAL A 48 -25.74 -6.15 -2.58
CA VAL A 48 -26.92 -5.74 -3.34
C VAL A 48 -26.52 -4.87 -4.52
N SER A 49 -27.10 -5.19 -5.68
CA SER A 49 -26.80 -4.43 -6.91
C SER A 49 -28.10 -3.95 -7.57
N GLY A 50 -28.04 -2.77 -8.17
CA GLY A 50 -29.20 -2.22 -8.83
C GLY A 50 -29.37 -0.73 -8.57
N PRO A 51 -29.88 -0.39 -7.38
CA PRO A 51 -30.10 1.00 -7.00
C PRO A 51 -28.79 1.75 -6.77
N SER A 52 -28.87 3.08 -6.71
CA SER A 52 -27.69 3.91 -6.50
C SER A 52 -26.70 3.74 -7.65
N SER A 53 -27.21 3.72 -8.86
CA SER A 53 -26.37 3.56 -10.04
C SER A 53 -25.85 4.91 -10.52
N GLY A 54 -24.75 4.88 -11.28
CA GLY A 54 -24.17 6.11 -11.79
C GLY A 54 -24.88 6.62 -13.03
N GLY A 1 -5.57 24.29 19.77
CA GLY A 1 -5.23 23.12 20.56
C GLY A 1 -3.78 22.70 20.35
N SER A 2 -3.58 21.51 19.79
CA SER A 2 -2.25 20.99 19.55
C SER A 2 -1.82 21.25 18.11
N SER A 3 -0.52 21.47 17.90
CA SER A 3 0.01 21.73 16.57
C SER A 3 1.34 21.01 16.38
N GLY A 4 1.67 20.71 15.11
CA GLY A 4 2.91 20.03 14.81
C GLY A 4 2.69 18.78 13.98
N SER A 5 2.82 18.91 12.66
CA SER A 5 2.62 17.79 11.75
C SER A 5 3.93 17.42 11.06
N SER A 6 4.07 16.15 10.70
CA SER A 6 5.27 15.66 10.03
C SER A 6 5.20 15.92 8.53
N GLY A 7 6.34 15.84 7.86
CA GLY A 7 6.38 16.05 6.43
C GLY A 7 7.16 14.97 5.70
N SER A 8 7.82 15.36 4.61
CA SER A 8 8.60 14.41 3.81
C SER A 8 10.06 14.82 3.76
N VAL A 9 10.30 16.09 3.43
CA VAL A 9 11.66 16.61 3.35
C VAL A 9 12.60 15.59 2.75
N GLY A 10 12.07 14.70 1.93
CA GLY A 10 12.88 13.67 1.30
C GLY A 10 12.20 13.04 0.10
N LYS A 11 11.71 11.82 0.28
CA LYS A 11 11.03 11.10 -0.80
C LYS A 11 9.55 11.47 -0.86
N PRO A 12 9.12 12.03 -1.99
CA PRO A 12 7.73 12.43 -2.19
C PRO A 12 6.78 11.25 -2.31
N TYR A 13 7.16 10.28 -3.13
CA TYR A 13 6.35 9.09 -3.33
C TYR A 13 6.18 8.31 -2.01
N ILE A 14 5.09 8.60 -1.31
CA ILE A 14 4.80 7.93 -0.05
C ILE A 14 3.75 6.84 -0.21
N CYS A 15 4.07 5.64 0.27
CA CYS A 15 3.15 4.52 0.18
C CYS A 15 1.83 4.82 0.89
N GLN A 16 0.73 4.76 0.15
CA GLN A 16 -0.59 5.03 0.71
C GLN A 16 -1.13 3.81 1.44
N SER A 17 -0.38 2.72 1.38
CA SER A 17 -0.78 1.47 2.03
C SER A 17 -0.31 1.45 3.49
N CYS A 18 0.95 1.83 3.70
CA CYS A 18 1.52 1.85 5.04
C CYS A 18 2.00 3.25 5.40
N GLY A 19 2.75 3.87 4.50
CA GLY A 19 3.25 5.20 4.75
C GLY A 19 4.71 5.36 4.35
N LYS A 20 5.30 4.29 3.83
CA LYS A 20 6.69 4.31 3.40
C LYS A 20 6.94 5.43 2.40
N GLY A 21 8.18 5.54 1.93
CA GLY A 21 8.52 6.57 0.97
C GLY A 21 9.60 6.13 0.00
N PHE A 22 9.53 6.62 -1.22
CA PHE A 22 10.52 6.27 -2.25
C PHE A 22 10.82 7.47 -3.15
N SER A 23 11.98 7.44 -3.79
CA SER A 23 12.38 8.53 -4.68
C SER A 23 11.94 8.26 -6.11
N ARG A 24 11.69 6.99 -6.42
CA ARG A 24 11.25 6.59 -7.75
C ARG A 24 9.90 5.89 -7.70
N PRO A 25 9.17 5.93 -8.82
CA PRO A 25 7.85 5.30 -8.92
C PRO A 25 7.93 3.78 -8.91
N ASP A 26 8.81 3.24 -9.74
CA ASP A 26 8.99 1.79 -9.83
C ASP A 26 9.47 1.22 -8.49
N HIS A 27 10.32 1.98 -7.82
CA HIS A 27 10.88 1.55 -6.53
C HIS A 27 9.75 1.30 -5.53
N LEU A 28 8.89 2.28 -5.36
CA LEU A 28 7.78 2.17 -4.42
C LEU A 28 6.84 1.02 -4.82
N ASN A 29 6.57 0.92 -6.11
CA ASN A 29 5.69 -0.13 -6.63
C ASN A 29 6.14 -1.49 -6.12
N GLY A 30 7.40 -1.83 -6.37
CA GLY A 30 7.93 -3.10 -5.94
C GLY A 30 7.57 -3.43 -4.50
N HIS A 31 7.68 -2.43 -3.63
CA HIS A 31 7.37 -2.61 -2.21
C HIS A 31 5.90 -2.96 -2.02
N ILE A 32 5.03 -2.25 -2.75
CA ILE A 32 3.60 -2.49 -2.65
C ILE A 32 3.21 -3.81 -3.32
N LYS A 33 4.12 -4.35 -4.13
CA LYS A 33 3.88 -5.60 -4.83
C LYS A 33 4.67 -6.73 -4.19
N GLN A 34 5.54 -6.39 -3.24
CA GLN A 34 6.36 -7.38 -2.55
C GLN A 34 5.98 -7.45 -1.08
N VAL A 35 5.40 -6.39 -0.56
CA VAL A 35 4.99 -6.33 0.84
C VAL A 35 3.48 -6.20 0.97
N HIS A 36 2.88 -5.44 0.06
CA HIS A 36 1.43 -5.23 0.07
C HIS A 36 0.75 -6.14 -0.94
N THR A 37 1.48 -7.14 -1.42
CA THR A 37 0.94 -8.08 -2.40
C THR A 37 0.25 -9.25 -1.70
N SER A 38 -0.76 -9.81 -2.35
CA SER A 38 -1.50 -10.93 -1.80
C SER A 38 -2.27 -10.51 -0.55
N GLU A 39 -2.76 -9.27 -0.54
CA GLU A 39 -3.50 -8.75 0.59
C GLU A 39 -4.97 -9.16 0.52
N ARG A 40 -5.76 -8.68 1.47
CA ARG A 40 -7.19 -9.00 1.52
C ARG A 40 -8.03 -7.82 1.05
N PRO A 41 -9.18 -8.12 0.43
CA PRO A 41 -10.10 -7.10 -0.07
C PRO A 41 -10.79 -6.33 1.05
N HIS A 42 -10.55 -6.77 2.28
CA HIS A 42 -11.16 -6.12 3.44
C HIS A 42 -11.27 -4.62 3.23
N LYS A 43 -12.31 -4.02 3.81
CA LYS A 43 -12.54 -2.58 3.68
C LYS A 43 -12.92 -1.97 5.02
N CYS A 44 -12.55 -0.71 5.22
CA CYS A 44 -12.86 -0.02 6.47
C CYS A 44 -14.36 0.03 6.70
N GLN A 45 -14.86 -0.91 7.51
CA GLN A 45 -16.28 -0.98 7.82
C GLN A 45 -16.78 0.35 8.37
N VAL A 46 -17.57 1.06 7.56
CA VAL A 46 -18.12 2.34 7.97
C VAL A 46 -19.60 2.22 8.33
N TRP A 47 -19.97 2.80 9.47
CA TRP A 47 -21.35 2.76 9.93
C TRP A 47 -22.18 3.86 9.27
N VAL A 48 -21.67 5.09 9.31
CA VAL A 48 -22.36 6.22 8.70
C VAL A 48 -21.70 6.64 7.40
N SER A 49 -22.51 6.94 6.40
CA SER A 49 -22.01 7.37 5.09
C SER A 49 -20.99 6.36 4.57
N GLY A 50 -21.27 5.08 4.75
CA GLY A 50 -20.36 4.04 4.28
C GLY A 50 -20.78 3.47 2.94
N PRO A 51 -21.51 2.35 2.97
CA PRO A 51 -21.98 1.68 1.76
C PRO A 51 -23.05 2.49 1.02
N SER A 52 -22.94 2.54 -0.30
CA SER A 52 -23.91 3.28 -1.11
C SER A 52 -25.33 3.02 -0.65
N SER A 53 -25.68 1.74 -0.50
CA SER A 53 -27.01 1.35 -0.06
C SER A 53 -27.37 2.03 1.26
N GLY A 54 -26.65 1.67 2.32
CA GLY A 54 -26.90 2.25 3.63
C GLY A 54 -27.31 3.71 3.54
N GLY A 1 -3.88 7.13 15.40
CA GLY A 1 -3.25 8.37 15.82
C GLY A 1 -2.01 8.69 15.00
N SER A 2 -1.62 9.96 15.00
CA SER A 2 -0.45 10.40 14.25
C SER A 2 0.09 11.71 14.79
N SER A 3 1.19 12.18 14.23
CA SER A 3 1.81 13.43 14.67
C SER A 3 1.25 14.61 13.89
N GLY A 4 -0.07 14.61 13.69
CA GLY A 4 -0.71 15.69 12.97
C GLY A 4 -0.09 15.92 11.61
N SER A 5 -0.28 17.12 11.06
CA SER A 5 0.26 17.47 9.75
C SER A 5 1.78 17.63 9.81
N SER A 6 2.50 16.53 9.58
CA SER A 6 3.95 16.56 9.61
C SER A 6 4.54 16.22 8.24
N GLY A 7 4.91 17.24 7.50
CA GLY A 7 5.48 17.03 6.17
C GLY A 7 6.98 17.20 6.16
N SER A 8 7.66 16.57 7.12
CA SER A 8 9.11 16.65 7.22
C SER A 8 9.77 15.44 6.57
N VAL A 9 9.26 15.04 5.41
CA VAL A 9 9.79 13.90 4.69
C VAL A 9 10.36 14.31 3.34
N GLY A 10 11.44 13.65 2.93
CA GLY A 10 12.06 13.97 1.66
C GLY A 10 11.36 13.29 0.49
N LYS A 11 11.46 11.97 0.43
CA LYS A 11 10.83 11.21 -0.64
C LYS A 11 9.35 11.52 -0.75
N PRO A 12 8.93 12.08 -1.89
CA PRO A 12 7.53 12.43 -2.14
C PRO A 12 6.63 11.20 -2.29
N TYR A 13 7.08 10.26 -3.11
CA TYR A 13 6.32 9.04 -3.35
C TYR A 13 6.13 8.25 -2.06
N ILE A 14 5.05 8.54 -1.35
CA ILE A 14 4.75 7.87 -0.09
C ILE A 14 3.71 6.77 -0.28
N CYS A 15 4.03 5.57 0.16
CA CYS A 15 3.11 4.44 0.03
C CYS A 15 1.76 4.77 0.64
N GLN A 16 0.69 4.48 -0.10
CA GLN A 16 -0.66 4.74 0.36
C GLN A 16 -1.24 3.53 1.08
N SER A 17 -0.36 2.65 1.55
CA SER A 17 -0.78 1.45 2.25
C SER A 17 -0.29 1.44 3.68
N CYS A 18 0.99 1.78 3.86
CA CYS A 18 1.59 1.82 5.19
C CYS A 18 2.07 3.23 5.53
N GLY A 19 2.78 3.86 4.59
CA GLY A 19 3.28 5.19 4.81
C GLY A 19 4.72 5.35 4.40
N LYS A 20 5.31 4.28 3.87
CA LYS A 20 6.70 4.30 3.43
C LYS A 20 6.94 5.42 2.43
N GLY A 21 8.20 5.59 2.02
CA GLY A 21 8.53 6.62 1.06
C GLY A 21 9.64 6.20 0.12
N PHE A 22 9.55 6.64 -1.14
CA PHE A 22 10.56 6.30 -2.14
C PHE A 22 10.86 7.50 -3.03
N SER A 23 11.91 7.37 -3.83
CA SER A 23 12.32 8.45 -4.73
C SER A 23 11.90 8.15 -6.16
N ARG A 24 11.78 6.87 -6.48
CA ARG A 24 11.38 6.44 -7.82
C ARG A 24 9.99 5.80 -7.80
N PRO A 25 9.27 5.93 -8.91
CA PRO A 25 7.92 5.39 -9.05
C PRO A 25 7.93 3.86 -9.13
N ASP A 26 8.98 3.31 -9.70
CA ASP A 26 9.12 1.86 -9.83
C ASP A 26 9.56 1.23 -8.52
N HIS A 27 10.42 1.93 -7.78
CA HIS A 27 10.92 1.44 -6.50
C HIS A 27 9.77 1.20 -5.54
N LEU A 28 8.95 2.23 -5.34
CA LEU A 28 7.81 2.14 -4.43
C LEU A 28 6.87 1.00 -4.84
N ASN A 29 6.55 0.95 -6.13
CA ASN A 29 5.66 -0.07 -6.65
C ASN A 29 6.10 -1.46 -6.20
N GLY A 30 7.37 -1.78 -6.44
CA GLY A 30 7.90 -3.07 -6.04
C GLY A 30 7.57 -3.42 -4.60
N HIS A 31 7.69 -2.44 -3.71
CA HIS A 31 7.41 -2.64 -2.30
C HIS A 31 5.94 -3.00 -2.09
N ILE A 32 5.05 -2.33 -2.83
CA ILE A 32 3.63 -2.58 -2.72
C ILE A 32 3.26 -3.92 -3.34
N LYS A 33 4.10 -4.41 -4.24
CA LYS A 33 3.87 -5.68 -4.91
C LYS A 33 4.75 -6.77 -4.32
N GLN A 34 5.53 -6.41 -3.31
CA GLN A 34 6.42 -7.37 -2.67
C GLN A 34 6.09 -7.51 -1.18
N VAL A 35 5.53 -6.45 -0.61
CA VAL A 35 5.15 -6.45 0.80
C VAL A 35 3.65 -6.34 0.97
N HIS A 36 3.03 -5.48 0.18
CA HIS A 36 1.58 -5.28 0.24
C HIS A 36 0.86 -6.22 -0.71
N THR A 37 1.64 -7.00 -1.47
CA THR A 37 1.07 -7.95 -2.42
C THR A 37 0.34 -9.08 -1.70
N SER A 38 -0.95 -8.87 -1.43
CA SER A 38 -1.77 -9.86 -0.75
C SER A 38 -2.95 -10.28 -1.60
N GLU A 39 -3.64 -9.28 -2.16
CA GLU A 39 -4.81 -9.55 -3.00
C GLU A 39 -4.46 -9.35 -4.48
N ARG A 40 -5.40 -9.73 -5.34
CA ARG A 40 -5.19 -9.60 -6.78
C ARG A 40 -6.52 -9.38 -7.50
N PRO A 41 -6.48 -8.59 -8.59
CA PRO A 41 -7.67 -8.29 -9.38
C PRO A 41 -8.18 -9.50 -10.16
N HIS A 42 -8.97 -10.33 -9.51
CA HIS A 42 -9.51 -11.53 -10.14
C HIS A 42 -10.77 -11.19 -10.94
N LYS A 43 -11.06 -12.02 -11.94
CA LYS A 43 -12.24 -11.81 -12.77
C LYS A 43 -13.13 -13.05 -12.79
N CYS A 44 -14.42 -12.84 -13.01
CA CYS A 44 -15.37 -13.95 -13.05
C CYS A 44 -15.14 -14.83 -14.27
N GLN A 45 -14.90 -16.11 -14.03
CA GLN A 45 -14.65 -17.06 -15.11
C GLN A 45 -15.90 -17.21 -15.98
N VAL A 46 -15.69 -17.21 -17.30
CA VAL A 46 -16.80 -17.35 -18.24
C VAL A 46 -16.52 -18.46 -19.25
N TRP A 47 -17.47 -19.38 -19.38
CA TRP A 47 -17.33 -20.50 -20.30
C TRP A 47 -17.34 -20.01 -21.75
N VAL A 48 -18.37 -19.24 -22.10
CA VAL A 48 -18.49 -18.72 -23.45
C VAL A 48 -19.42 -17.51 -23.48
N SER A 49 -19.01 -16.47 -24.22
CA SER A 49 -19.79 -15.25 -24.33
C SER A 49 -21.23 -15.57 -24.75
N GLY A 50 -22.07 -14.54 -24.77
CA GLY A 50 -23.46 -14.73 -25.16
C GLY A 50 -23.78 -14.09 -26.50
N PRO A 51 -24.13 -12.80 -26.48
CA PRO A 51 -24.48 -12.05 -27.69
C PRO A 51 -23.26 -11.79 -28.56
N SER A 52 -22.12 -12.31 -28.15
CA SER A 52 -20.87 -12.14 -28.90
C SER A 52 -21.13 -12.23 -30.40
N SER A 53 -20.21 -11.68 -31.19
CA SER A 53 -20.34 -11.70 -32.64
C SER A 53 -20.29 -13.13 -33.17
N GLY A 54 -20.43 -13.27 -34.49
CA GLY A 54 -20.41 -14.59 -35.10
C GLY A 54 -19.18 -15.38 -34.72
N GLY A 1 7.48 10.10 28.65
CA GLY A 1 8.23 9.94 27.41
C GLY A 1 7.39 9.34 26.30
N SER A 2 6.18 9.85 26.14
CA SER A 2 5.28 9.36 25.10
C SER A 2 5.43 10.15 23.81
N SER A 3 6.68 10.45 23.45
CA SER A 3 6.98 11.20 22.25
C SER A 3 7.42 10.28 21.11
N GLY A 4 6.45 9.75 20.38
CA GLY A 4 6.76 8.85 19.28
C GLY A 4 7.24 9.60 18.05
N SER A 5 8.55 9.78 17.94
CA SER A 5 9.14 10.47 16.80
C SER A 5 9.23 9.56 15.59
N SER A 6 8.71 10.04 14.46
CA SER A 6 8.74 9.27 13.22
C SER A 6 8.45 10.16 12.02
N GLY A 7 9.08 9.84 10.89
CA GLY A 7 8.88 10.62 9.69
C GLY A 7 10.18 10.89 8.96
N SER A 8 10.07 11.44 7.74
CA SER A 8 11.25 11.74 6.94
C SER A 8 10.89 12.67 5.79
N VAL A 9 11.72 13.69 5.58
CA VAL A 9 11.50 14.65 4.50
C VAL A 9 12.48 14.45 3.36
N GLY A 10 11.96 14.38 2.14
CA GLY A 10 12.80 14.19 0.97
C GLY A 10 12.12 13.35 -0.10
N LYS A 11 11.63 12.18 0.28
CA LYS A 11 10.95 11.30 -0.66
C LYS A 11 9.46 11.61 -0.73
N PRO A 12 9.04 12.16 -1.89
CA PRO A 12 7.64 12.52 -2.13
C PRO A 12 6.74 11.30 -2.26
N TYR A 13 7.16 10.35 -3.09
CA TYR A 13 6.39 9.13 -3.31
C TYR A 13 6.21 8.36 -2.02
N ILE A 14 5.08 8.57 -1.35
CA ILE A 14 4.80 7.90 -0.09
C ILE A 14 3.78 6.77 -0.29
N CYS A 15 4.12 5.57 0.16
CA CYS A 15 3.24 4.42 0.03
C CYS A 15 1.86 4.73 0.60
N GLN A 16 0.83 4.48 -0.21
CA GLN A 16 -0.55 4.73 0.22
C GLN A 16 -1.12 3.52 0.93
N SER A 17 -0.24 2.67 1.46
CA SER A 17 -0.67 1.46 2.17
C SER A 17 -0.20 1.49 3.62
N CYS A 18 1.09 1.75 3.81
CA CYS A 18 1.66 1.81 5.15
C CYS A 18 2.10 3.23 5.49
N GLY A 19 2.80 3.88 4.56
CA GLY A 19 3.25 5.23 4.78
C GLY A 19 4.73 5.40 4.46
N LYS A 20 5.32 4.38 3.84
CA LYS A 20 6.73 4.41 3.48
C LYS A 20 7.00 5.53 2.47
N GLY A 21 8.26 5.65 2.05
CA GLY A 21 8.62 6.67 1.09
C GLY A 21 9.71 6.20 0.14
N PHE A 22 9.60 6.61 -1.12
CA PHE A 22 10.60 6.23 -2.13
C PHE A 22 10.94 7.41 -3.02
N SER A 23 12.04 7.30 -3.76
CA SER A 23 12.48 8.36 -4.66
C SER A 23 12.00 8.11 -6.08
N ARG A 24 11.83 6.83 -6.42
CA ARG A 24 11.37 6.46 -7.75
C ARG A 24 9.99 5.80 -7.70
N PRO A 25 9.23 5.93 -8.80
CA PRO A 25 7.89 5.36 -8.90
C PRO A 25 7.90 3.83 -8.95
N ASP A 26 8.88 3.29 -9.65
CA ASP A 26 9.01 1.84 -9.79
C ASP A 26 9.46 1.22 -8.46
N HIS A 27 10.38 1.88 -7.78
CA HIS A 27 10.89 1.39 -6.50
C HIS A 27 9.76 1.21 -5.49
N LEU A 28 8.88 2.21 -5.43
CA LEU A 28 7.75 2.16 -4.51
C LEU A 28 6.78 1.05 -4.88
N ASN A 29 6.47 0.96 -6.17
CA ASN A 29 5.56 -0.07 -6.66
C ASN A 29 5.97 -1.45 -6.17
N GLY A 30 7.21 -1.82 -6.46
CA GLY A 30 7.71 -3.12 -6.03
C GLY A 30 7.39 -3.42 -4.57
N HIS A 31 7.53 -2.41 -3.72
CA HIS A 31 7.26 -2.57 -2.30
C HIS A 31 5.78 -2.89 -2.06
N ILE A 32 4.91 -2.23 -2.81
CA ILE A 32 3.48 -2.44 -2.67
C ILE A 32 3.06 -3.78 -3.27
N LYS A 33 3.87 -4.28 -4.20
CA LYS A 33 3.60 -5.57 -4.84
C LYS A 33 4.46 -6.67 -4.25
N GLN A 34 5.33 -6.30 -3.31
CA GLN A 34 6.21 -7.26 -2.66
C GLN A 34 5.89 -7.38 -1.18
N VAL A 35 5.37 -6.31 -0.60
CA VAL A 35 5.01 -6.29 0.81
C VAL A 35 3.51 -6.15 1.01
N HIS A 36 2.88 -5.36 0.13
CA HIS A 36 1.43 -5.14 0.21
C HIS A 36 0.70 -6.02 -0.78
N THR A 37 1.40 -7.03 -1.30
CA THR A 37 0.81 -7.94 -2.27
C THR A 37 0.13 -9.13 -1.57
N SER A 38 -0.96 -9.60 -2.15
CA SER A 38 -1.71 -10.71 -1.59
C SER A 38 -0.76 -11.72 -0.91
N GLU A 39 -1.26 -12.38 0.13
CA GLU A 39 -0.46 -13.35 0.86
C GLU A 39 0.07 -14.43 -0.08
N ARG A 40 1.07 -15.17 0.39
CA ARG A 40 1.67 -16.24 -0.41
C ARG A 40 1.88 -17.49 0.43
N PRO A 41 1.74 -18.66 -0.21
CA PRO A 41 1.91 -19.96 0.46
C PRO A 41 3.35 -20.22 0.83
N HIS A 42 3.56 -21.01 1.89
CA HIS A 42 4.90 -21.34 2.35
C HIS A 42 5.22 -22.80 2.06
N LYS A 43 4.32 -23.69 2.45
CA LYS A 43 4.50 -25.12 2.23
C LYS A 43 3.38 -25.69 1.36
N CYS A 44 2.94 -24.90 0.39
CA CYS A 44 1.87 -25.33 -0.52
C CYS A 44 2.25 -25.08 -1.96
N GLN A 45 2.83 -26.09 -2.61
CA GLN A 45 3.25 -25.97 -4.00
C GLN A 45 2.57 -27.03 -4.86
N VAL A 46 1.28 -27.25 -4.62
CA VAL A 46 0.53 -28.24 -5.37
C VAL A 46 -0.80 -27.67 -5.85
N TRP A 47 -1.13 -27.90 -7.12
CA TRP A 47 -2.37 -27.41 -7.70
C TRP A 47 -3.50 -28.40 -7.48
N VAL A 48 -3.20 -29.68 -7.68
CA VAL A 48 -4.21 -30.74 -7.51
C VAL A 48 -4.37 -31.10 -6.03
N SER A 49 -5.61 -31.05 -5.56
CA SER A 49 -5.91 -31.37 -4.17
C SER A 49 -7.01 -32.42 -4.08
N GLY A 50 -6.81 -33.41 -3.20
CA GLY A 50 -7.80 -34.46 -3.04
C GLY A 50 -8.26 -34.60 -1.60
N PRO A 51 -7.63 -35.52 -0.86
CA PRO A 51 -7.96 -35.77 0.55
C PRO A 51 -7.55 -34.61 1.45
N SER A 52 -6.29 -34.19 1.34
CA SER A 52 -5.78 -33.09 2.15
C SER A 52 -4.35 -32.73 1.72
N SER A 53 -3.80 -31.70 2.35
CA SER A 53 -2.45 -31.25 2.04
C SER A 53 -1.42 -32.29 2.45
N GLY A 54 -1.44 -32.66 3.73
CA GLY A 54 -0.50 -33.65 4.24
C GLY A 54 -0.98 -34.29 5.52
N GLY A 1 -5.65 18.78 18.11
CA GLY A 1 -5.12 17.52 18.61
C GLY A 1 -4.93 16.50 17.51
N SER A 2 -4.35 16.92 16.39
CA SER A 2 -4.12 16.04 15.27
C SER A 2 -2.65 16.02 14.88
N SER A 3 -2.25 15.02 14.11
CA SER A 3 -0.87 14.89 13.67
C SER A 3 -0.51 15.98 12.65
N GLY A 4 -1.34 16.11 11.63
CA GLY A 4 -1.10 17.12 10.61
C GLY A 4 0.12 16.80 9.75
N SER A 5 0.54 17.76 8.95
CA SER A 5 1.70 17.58 8.08
C SER A 5 2.58 18.83 8.08
N SER A 6 3.75 18.71 8.71
CA SER A 6 4.69 19.82 8.79
C SER A 6 6.10 19.37 8.42
N GLY A 7 6.80 20.22 7.68
CA GLY A 7 8.16 19.90 7.26
C GLY A 7 8.19 19.12 5.96
N SER A 8 8.11 19.83 4.84
CA SER A 8 8.13 19.20 3.53
C SER A 8 9.55 18.97 3.06
N VAL A 9 9.99 17.72 3.13
CA VAL A 9 11.34 17.35 2.71
C VAL A 9 11.53 15.84 2.74
N GLY A 10 12.25 15.32 1.75
CA GLY A 10 12.51 13.89 1.68
C GLY A 10 11.92 13.27 0.43
N LYS A 11 11.47 12.02 0.55
CA LYS A 11 10.89 11.30 -0.57
C LYS A 11 9.39 11.59 -0.68
N PRO A 12 8.97 12.13 -1.84
CA PRO A 12 7.57 12.46 -2.09
C PRO A 12 6.70 11.22 -2.25
N TYR A 13 7.16 10.28 -3.07
CA TYR A 13 6.41 9.04 -3.31
C TYR A 13 6.23 8.26 -2.01
N ILE A 14 5.13 8.53 -1.32
CA ILE A 14 4.83 7.85 -0.06
C ILE A 14 3.80 6.75 -0.26
N CYS A 15 4.13 5.54 0.19
CA CYS A 15 3.23 4.41 0.07
C CYS A 15 1.85 4.73 0.64
N GLN A 16 0.82 4.51 -0.15
CA GLN A 16 -0.55 4.78 0.28
C GLN A 16 -1.15 3.57 0.99
N SER A 17 -0.29 2.66 1.42
CA SER A 17 -0.73 1.45 2.11
C SER A 17 -0.28 1.47 3.57
N CYS A 18 0.96 1.87 3.79
CA CYS A 18 1.52 1.93 5.14
C CYS A 18 1.99 3.33 5.47
N GLY A 19 2.78 3.92 4.57
CA GLY A 19 3.28 5.26 4.78
C GLY A 19 4.73 5.42 4.37
N LYS A 20 5.33 4.32 3.91
CA LYS A 20 6.71 4.33 3.48
C LYS A 20 6.97 5.45 2.46
N GLY A 21 8.21 5.56 2.01
CA GLY A 21 8.55 6.58 1.03
C GLY A 21 9.66 6.15 0.11
N PHE A 22 9.59 6.59 -1.15
CA PHE A 22 10.59 6.23 -2.14
C PHE A 22 10.92 7.43 -3.04
N SER A 23 12.02 7.33 -3.77
CA SER A 23 12.44 8.41 -4.66
C SER A 23 11.94 8.17 -6.08
N ARG A 24 11.86 6.89 -6.47
CA ARG A 24 11.41 6.53 -7.80
C ARG A 24 10.03 5.86 -7.74
N PRO A 25 9.29 5.95 -8.85
CA PRO A 25 7.95 5.36 -8.95
C PRO A 25 7.98 3.84 -8.95
N ASP A 26 8.89 3.28 -9.73
CA ASP A 26 9.03 1.82 -9.84
C ASP A 26 9.48 1.22 -8.51
N HIS A 27 10.40 1.91 -7.85
CA HIS A 27 10.92 1.45 -6.55
C HIS A 27 9.79 1.23 -5.56
N LEU A 28 8.93 2.24 -5.42
CA LEU A 28 7.80 2.16 -4.50
C LEU A 28 6.84 1.04 -4.90
N ASN A 29 6.52 0.99 -6.19
CA ASN A 29 5.62 -0.03 -6.71
C ASN A 29 6.03 -1.43 -6.23
N GLY A 30 7.29 -1.78 -6.47
CA GLY A 30 7.79 -3.08 -6.06
C GLY A 30 7.46 -3.38 -4.61
N HIS A 31 7.57 -2.38 -3.75
CA HIS A 31 7.28 -2.55 -2.33
C HIS A 31 5.81 -2.87 -2.11
N ILE A 32 4.94 -2.22 -2.88
CA ILE A 32 3.50 -2.44 -2.77
C ILE A 32 3.09 -3.77 -3.40
N LYS A 33 3.97 -4.30 -4.24
CA LYS A 33 3.71 -5.58 -4.91
C LYS A 33 4.57 -6.69 -4.32
N GLN A 34 5.42 -6.34 -3.36
CA GLN A 34 6.30 -7.31 -2.72
C GLN A 34 5.96 -7.44 -1.24
N VAL A 35 5.41 -6.38 -0.66
CA VAL A 35 5.05 -6.37 0.75
C VAL A 35 3.54 -6.24 0.93
N HIS A 36 2.92 -5.40 0.11
CA HIS A 36 1.49 -5.19 0.18
C HIS A 36 0.75 -6.11 -0.80
N THR A 37 1.47 -7.11 -1.30
CA THR A 37 0.89 -8.07 -2.24
C THR A 37 0.26 -9.25 -1.51
N SER A 38 -1.07 -9.22 -1.38
CA SER A 38 -1.79 -10.29 -0.71
C SER A 38 -1.47 -11.64 -1.33
N GLU A 39 -1.51 -11.70 -2.66
CA GLU A 39 -1.22 -12.92 -3.38
C GLU A 39 -0.16 -12.71 -4.45
N ARG A 40 0.76 -13.65 -4.56
CA ARG A 40 1.84 -13.55 -5.55
C ARG A 40 1.28 -13.45 -6.96
N PRO A 41 1.96 -12.69 -7.82
CA PRO A 41 1.55 -12.49 -9.21
C PRO A 41 1.73 -13.76 -10.05
N HIS A 42 0.62 -14.38 -10.43
CA HIS A 42 0.65 -15.59 -11.23
C HIS A 42 -0.06 -15.38 -12.56
N LYS A 43 0.59 -15.77 -13.65
CA LYS A 43 0.02 -15.63 -14.98
C LYS A 43 -0.47 -16.98 -15.51
N CYS A 44 -1.59 -17.44 -14.96
CA CYS A 44 -2.15 -18.72 -15.38
C CYS A 44 -3.55 -18.91 -14.81
N GLN A 45 -4.56 -18.75 -15.66
CA GLN A 45 -5.95 -18.89 -15.24
C GLN A 45 -6.83 -19.35 -16.40
N VAL A 46 -7.76 -20.26 -16.11
CA VAL A 46 -8.66 -20.78 -17.13
C VAL A 46 -9.77 -21.62 -16.50
N TRP A 47 -10.92 -21.66 -17.16
CA TRP A 47 -12.06 -22.43 -16.68
C TRP A 47 -12.75 -23.17 -17.82
N VAL A 48 -13.28 -24.36 -17.51
CA VAL A 48 -13.96 -25.16 -18.50
C VAL A 48 -14.70 -24.29 -19.52
N SER A 49 -14.62 -24.65 -20.78
CA SER A 49 -15.27 -23.90 -21.85
C SER A 49 -16.12 -24.81 -22.72
N GLY A 50 -17.39 -24.96 -22.35
CA GLY A 50 -18.29 -25.81 -23.12
C GLY A 50 -17.77 -27.22 -23.25
N PRO A 51 -18.21 -27.92 -24.30
CA PRO A 51 -17.80 -29.31 -24.57
C PRO A 51 -16.35 -29.40 -25.00
N SER A 52 -15.66 -28.26 -25.01
CA SER A 52 -14.25 -28.22 -25.41
C SER A 52 -13.53 -29.49 -24.97
N SER A 53 -12.80 -30.10 -25.90
CA SER A 53 -12.06 -31.31 -25.63
C SER A 53 -11.00 -31.08 -24.54
N GLY A 54 -10.96 -31.98 -23.57
CA GLY A 54 -10.00 -31.85 -22.49
C GLY A 54 -10.60 -32.18 -21.14
N GLY A 1 -3.72 13.02 19.73
CA GLY A 1 -2.77 11.92 19.85
C GLY A 1 -2.22 11.50 18.51
N SER A 2 -1.93 12.46 17.65
CA SER A 2 -1.40 12.18 16.32
C SER A 2 -0.32 13.19 15.95
N SER A 3 0.91 12.71 15.82
CA SER A 3 2.04 13.56 15.47
C SER A 3 1.91 14.06 14.03
N GLY A 4 2.67 15.10 13.71
CA GLY A 4 2.63 15.66 12.37
C GLY A 4 3.60 16.82 12.18
N SER A 5 4.89 16.53 12.36
CA SER A 5 5.91 17.56 12.21
C SER A 5 6.87 17.22 11.07
N SER A 6 6.81 18.00 10.00
CA SER A 6 7.66 17.77 8.84
C SER A 6 7.92 19.08 8.10
N GLY A 7 9.18 19.34 7.78
CA GLY A 7 9.53 20.54 7.06
C GLY A 7 10.46 20.28 5.90
N SER A 8 11.63 19.73 6.18
CA SER A 8 12.61 19.43 5.14
C SER A 8 12.01 18.54 4.06
N VAL A 9 12.41 18.76 2.82
CA VAL A 9 11.91 17.99 1.69
C VAL A 9 12.53 16.60 1.68
N GLY A 10 11.71 15.59 1.33
CA GLY A 10 12.20 14.23 1.28
C GLY A 10 11.45 13.39 0.27
N LYS A 11 11.59 12.08 0.37
CA LYS A 11 10.92 11.15 -0.55
C LYS A 11 9.43 11.47 -0.65
N PRO A 12 9.03 12.03 -1.80
CA PRO A 12 7.63 12.40 -2.05
C PRO A 12 6.73 11.18 -2.22
N TYR A 13 7.17 10.26 -3.07
CA TYR A 13 6.39 9.05 -3.33
C TYR A 13 6.18 8.26 -2.04
N ILE A 14 5.08 8.55 -1.35
CA ILE A 14 4.75 7.87 -0.10
C ILE A 14 3.74 6.75 -0.33
N CYS A 15 4.07 5.56 0.15
CA CYS A 15 3.18 4.41 0.00
C CYS A 15 1.81 4.69 0.58
N GLN A 16 0.77 4.42 -0.21
CA GLN A 16 -0.61 4.66 0.22
C GLN A 16 -1.16 3.43 0.94
N SER A 17 -0.27 2.57 1.43
CA SER A 17 -0.67 1.36 2.12
C SER A 17 -0.21 1.40 3.58
N CYS A 18 1.04 1.81 3.79
CA CYS A 18 1.60 1.89 5.13
C CYS A 18 2.06 3.30 5.44
N GLY A 19 2.78 3.90 4.50
CA GLY A 19 3.28 5.25 4.69
C GLY A 19 4.72 5.42 4.24
N LYS A 20 5.36 4.31 3.90
CA LYS A 20 6.74 4.32 3.45
C LYS A 20 6.96 5.42 2.42
N GLY A 21 8.23 5.65 2.07
CA GLY A 21 8.55 6.68 1.09
C GLY A 21 9.67 6.26 0.16
N PHE A 22 9.57 6.67 -1.10
CA PHE A 22 10.59 6.32 -2.09
C PHE A 22 10.90 7.52 -2.99
N SER A 23 11.95 7.39 -3.79
CA SER A 23 12.36 8.46 -4.69
C SER A 23 11.86 8.20 -6.10
N ARG A 24 11.82 6.93 -6.48
CA ARG A 24 11.37 6.54 -7.82
C ARG A 24 10.00 5.88 -7.76
N PRO A 25 9.26 5.94 -8.87
CA PRO A 25 7.92 5.36 -8.97
C PRO A 25 7.95 3.83 -8.97
N ASP A 26 8.85 3.27 -9.77
CA ASP A 26 8.98 1.82 -9.86
C ASP A 26 9.47 1.24 -8.53
N HIS A 27 10.35 1.97 -7.85
CA HIS A 27 10.89 1.53 -6.57
C HIS A 27 9.77 1.29 -5.56
N LEU A 28 8.91 2.29 -5.40
CA LEU A 28 7.79 2.19 -4.46
C LEU A 28 6.84 1.07 -4.86
N ASN A 29 6.53 1.00 -6.14
CA ASN A 29 5.63 -0.04 -6.66
C ASN A 29 6.07 -1.42 -6.18
N GLY A 30 7.33 -1.76 -6.43
CA GLY A 30 7.85 -3.05 -6.01
C GLY A 30 7.52 -3.37 -4.58
N HIS A 31 7.62 -2.37 -3.70
CA HIS A 31 7.32 -2.57 -2.29
C HIS A 31 5.86 -2.92 -2.08
N ILE A 32 4.98 -2.25 -2.83
CA ILE A 32 3.54 -2.49 -2.72
C ILE A 32 3.16 -3.81 -3.37
N LYS A 33 4.06 -4.35 -4.19
CA LYS A 33 3.83 -5.62 -4.87
C LYS A 33 4.69 -6.72 -4.27
N GLN A 34 5.51 -6.36 -3.29
CA GLN A 34 6.39 -7.33 -2.64
C GLN A 34 6.05 -7.46 -1.16
N VAL A 35 5.48 -6.40 -0.60
CA VAL A 35 5.10 -6.40 0.82
C VAL A 35 3.59 -6.28 0.99
N HIS A 36 2.97 -5.46 0.15
CA HIS A 36 1.53 -5.25 0.20
C HIS A 36 0.81 -6.17 -0.79
N THR A 37 1.53 -7.16 -1.30
CA THR A 37 0.97 -8.10 -2.26
C THR A 37 0.34 -9.29 -1.55
N SER A 38 -0.97 -9.27 -1.41
CA SER A 38 -1.70 -10.35 -0.75
C SER A 38 -2.91 -10.77 -1.57
N GLU A 39 -3.70 -11.70 -1.02
CA GLU A 39 -4.89 -12.20 -1.70
C GLU A 39 -6.07 -11.25 -1.48
N ARG A 40 -6.95 -11.18 -2.48
CA ARG A 40 -8.12 -10.30 -2.39
C ARG A 40 -9.41 -11.11 -2.55
N PRO A 41 -10.49 -10.64 -1.92
CA PRO A 41 -11.80 -11.29 -1.97
C PRO A 41 -12.44 -11.20 -3.35
N HIS A 42 -13.60 -11.82 -3.50
CA HIS A 42 -14.31 -11.80 -4.77
C HIS A 42 -14.47 -10.37 -5.28
N LYS A 43 -13.67 -10.01 -6.28
CA LYS A 43 -13.72 -8.67 -6.85
C LYS A 43 -12.94 -8.61 -8.16
N CYS A 44 -13.65 -8.43 -9.27
CA CYS A 44 -13.02 -8.36 -10.58
C CYS A 44 -11.67 -7.66 -10.49
N GLN A 45 -10.65 -8.32 -11.03
CA GLN A 45 -9.30 -7.76 -11.01
C GLN A 45 -8.86 -7.35 -12.41
N VAL A 46 -9.77 -6.75 -13.16
CA VAL A 46 -9.48 -6.30 -14.52
C VAL A 46 -9.42 -4.79 -14.60
N TRP A 47 -9.26 -4.27 -15.81
CA TRP A 47 -9.17 -2.82 -16.02
C TRP A 47 -10.10 -2.39 -17.15
N VAL A 48 -10.13 -3.18 -18.22
CA VAL A 48 -10.97 -2.88 -19.36
C VAL A 48 -12.22 -3.75 -19.39
N SER A 49 -12.04 -5.04 -19.07
CA SER A 49 -13.15 -5.98 -19.06
C SER A 49 -12.72 -7.32 -18.48
N GLY A 50 -13.68 -8.21 -18.27
CA GLY A 50 -13.37 -9.52 -17.72
C GLY A 50 -12.34 -10.27 -18.54
N PRO A 51 -12.81 -11.09 -19.48
CA PRO A 51 -11.93 -11.88 -20.35
C PRO A 51 -11.17 -11.00 -21.34
N SER A 52 -10.34 -11.64 -22.17
CA SER A 52 -9.55 -10.93 -23.16
C SER A 52 -10.39 -10.63 -24.41
N SER A 53 -9.77 -9.98 -25.38
CA SER A 53 -10.46 -9.63 -26.62
C SER A 53 -9.84 -10.36 -27.81
N GLY A 54 -8.51 -10.29 -27.92
CA GLY A 54 -7.83 -10.95 -29.02
C GLY A 54 -7.45 -12.38 -28.67
N GLY A 1 20.60 6.68 15.01
CA GLY A 1 19.42 6.76 14.17
C GLY A 1 19.67 6.29 12.76
N SER A 2 19.04 5.19 12.38
CA SER A 2 19.20 4.63 11.04
C SER A 2 18.27 5.32 10.04
N SER A 3 18.22 6.65 10.11
CA SER A 3 17.36 7.42 9.22
C SER A 3 18.11 8.62 8.66
N GLY A 4 17.72 9.04 7.46
CA GLY A 4 18.37 10.19 6.83
C GLY A 4 17.38 11.23 6.35
N SER A 5 16.92 11.08 5.11
CA SER A 5 15.96 12.02 4.53
C SER A 5 14.61 11.93 5.25
N SER A 6 14.44 12.76 6.27
CA SER A 6 13.20 12.78 7.04
C SER A 6 12.59 14.17 7.06
N GLY A 7 12.62 14.84 5.90
CA GLY A 7 12.06 16.17 5.80
C GLY A 7 12.44 16.86 4.51
N SER A 8 13.38 17.79 4.59
CA SER A 8 13.82 18.54 3.41
C SER A 8 14.14 17.58 2.26
N VAL A 9 13.92 18.06 1.03
CA VAL A 9 14.18 17.25 -0.15
C VAL A 9 13.90 15.78 0.11
N GLY A 10 12.83 15.50 0.85
CA GLY A 10 12.47 14.14 1.17
C GLY A 10 11.82 13.43 -0.01
N LYS A 11 11.43 12.18 0.20
CA LYS A 11 10.80 11.38 -0.85
C LYS A 11 9.31 11.67 -0.92
N PRO A 12 8.86 12.17 -2.08
CA PRO A 12 7.45 12.51 -2.31
C PRO A 12 6.57 11.27 -2.40
N TYR A 13 7.01 10.30 -3.18
CA TYR A 13 6.26 9.06 -3.37
C TYR A 13 6.14 8.30 -2.04
N ILE A 14 5.00 8.46 -1.39
CA ILE A 14 4.75 7.81 -0.11
C ILE A 14 3.73 6.69 -0.26
N CYS A 15 4.05 5.51 0.25
CA CYS A 15 3.15 4.37 0.18
C CYS A 15 1.80 4.69 0.78
N GLN A 16 0.75 4.52 -0.02
CA GLN A 16 -0.61 4.80 0.44
C GLN A 16 -1.21 3.59 1.16
N SER A 17 -0.34 2.69 1.62
CA SER A 17 -0.77 1.49 2.31
C SER A 17 -0.26 1.47 3.75
N CYS A 18 1.01 1.78 3.91
CA CYS A 18 1.63 1.80 5.24
C CYS A 18 2.10 3.21 5.59
N GLY A 19 2.78 3.86 4.65
CA GLY A 19 3.28 5.20 4.88
C GLY A 19 4.74 5.36 4.53
N LYS A 20 5.29 4.34 3.87
CA LYS A 20 6.69 4.36 3.47
C LYS A 20 6.96 5.48 2.46
N GLY A 21 8.20 5.59 2.02
CA GLY A 21 8.56 6.62 1.06
C GLY A 21 9.65 6.17 0.10
N PHE A 22 9.54 6.58 -1.15
CA PHE A 22 10.51 6.21 -2.17
C PHE A 22 10.85 7.40 -3.07
N SER A 23 11.96 7.32 -3.78
CA SER A 23 12.39 8.38 -4.67
C SER A 23 11.90 8.13 -6.09
N ARG A 24 11.79 6.86 -6.46
CA ARG A 24 11.33 6.50 -7.79
C ARG A 24 9.97 5.81 -7.72
N PRO A 25 9.21 5.88 -8.82
CA PRO A 25 7.88 5.26 -8.92
C PRO A 25 7.95 3.73 -8.94
N ASP A 26 8.90 3.20 -9.70
CA ASP A 26 9.08 1.76 -9.80
C ASP A 26 9.53 1.16 -8.48
N HIS A 27 10.42 1.88 -7.78
CA HIS A 27 10.94 1.42 -6.50
C HIS A 27 9.81 1.20 -5.51
N LEU A 28 8.92 2.20 -5.38
CA LEU A 28 7.80 2.11 -4.47
C LEU A 28 6.87 0.96 -4.86
N ASN A 29 6.55 0.87 -6.15
CA ASN A 29 5.67 -0.17 -6.65
C ASN A 29 6.12 -1.55 -6.14
N GLY A 30 7.38 -1.89 -6.41
CA GLY A 30 7.91 -3.16 -5.98
C GLY A 30 7.58 -3.47 -4.53
N HIS A 31 7.66 -2.45 -3.68
CA HIS A 31 7.36 -2.62 -2.26
C HIS A 31 5.90 -2.96 -2.04
N ILE A 32 5.02 -2.28 -2.78
CA ILE A 32 3.59 -2.52 -2.67
C ILE A 32 3.19 -3.84 -3.32
N LYS A 33 4.09 -4.39 -4.14
CA LYS A 33 3.83 -5.65 -4.82
C LYS A 33 4.74 -6.76 -4.26
N GLN A 34 5.56 -6.41 -3.27
CA GLN A 34 6.46 -7.37 -2.66
C GLN A 34 6.16 -7.53 -1.17
N VAL A 35 5.58 -6.49 -0.57
CA VAL A 35 5.23 -6.52 0.84
C VAL A 35 3.72 -6.41 1.04
N HIS A 36 3.09 -5.53 0.27
CA HIS A 36 1.65 -5.33 0.37
C HIS A 36 0.91 -6.28 -0.57
N THR A 37 1.62 -6.83 -1.54
CA THR A 37 1.04 -7.74 -2.51
C THR A 37 0.14 -8.77 -1.82
N SER A 38 -0.90 -9.20 -2.53
CA SER A 38 -1.85 -10.17 -1.98
C SER A 38 -2.74 -9.52 -0.94
N GLU A 39 -3.37 -8.41 -1.30
CA GLU A 39 -4.25 -7.69 -0.40
C GLU A 39 -5.36 -6.98 -1.17
N ARG A 40 -6.53 -6.87 -0.55
CA ARG A 40 -7.67 -6.22 -1.18
C ARG A 40 -8.51 -5.48 -0.15
N PRO A 41 -9.06 -4.32 -0.55
CA PRO A 41 -9.89 -3.49 0.33
C PRO A 41 -11.23 -4.15 0.64
N HIS A 42 -11.45 -5.33 0.10
CA HIS A 42 -12.70 -6.07 0.31
C HIS A 42 -13.20 -5.85 1.74
N LYS A 43 -12.29 -5.88 2.69
CA LYS A 43 -12.65 -5.69 4.10
C LYS A 43 -12.81 -4.21 4.43
N CYS A 44 -13.56 -3.50 3.58
CA CYS A 44 -13.80 -2.08 3.78
C CYS A 44 -15.23 -1.71 3.41
N GLN A 45 -15.71 -0.59 3.93
CA GLN A 45 -17.06 -0.13 3.66
C GLN A 45 -17.05 1.11 2.77
N VAL A 46 -16.87 0.92 1.47
CA VAL A 46 -16.83 2.02 0.53
C VAL A 46 -18.15 2.13 -0.25
N TRP A 47 -18.57 3.35 -0.52
CA TRP A 47 -19.81 3.59 -1.24
C TRP A 47 -19.64 3.24 -2.73
N VAL A 48 -18.56 3.75 -3.32
CA VAL A 48 -18.28 3.50 -4.73
C VAL A 48 -17.36 2.31 -4.90
N SER A 49 -17.67 1.45 -5.87
CA SER A 49 -16.87 0.26 -6.14
C SER A 49 -15.41 0.64 -6.37
N GLY A 50 -15.15 1.29 -7.50
CA GLY A 50 -13.79 1.69 -7.81
C GLY A 50 -13.56 1.82 -9.32
N PRO A 51 -12.71 2.77 -9.71
CA PRO A 51 -12.38 3.01 -11.12
C PRO A 51 -11.55 1.89 -11.71
N SER A 52 -11.28 0.86 -10.91
CA SER A 52 -10.48 -0.27 -11.37
C SER A 52 -10.75 -0.57 -12.84
N SER A 53 -9.82 -0.15 -13.69
CA SER A 53 -9.95 -0.37 -15.13
C SER A 53 -8.99 -1.45 -15.61
N GLY A 54 -8.99 -2.58 -14.92
CA GLY A 54 -8.11 -3.68 -15.28
C GLY A 54 -7.70 -4.51 -14.08
N GLY A 1 -10.56 22.79 3.52
CA GLY A 1 -10.65 22.72 4.96
C GLY A 1 -9.84 23.81 5.64
N SER A 2 -8.94 23.40 6.54
CA SER A 2 -8.10 24.35 7.27
C SER A 2 -6.63 23.93 7.20
N SER A 3 -5.85 24.65 6.40
CA SER A 3 -4.43 24.37 6.25
C SER A 3 -3.70 25.54 5.59
N GLY A 4 -2.38 25.43 5.53
CA GLY A 4 -1.59 26.49 4.94
C GLY A 4 -0.09 26.24 5.06
N SER A 5 0.34 25.07 4.65
CA SER A 5 1.75 24.70 4.73
C SER A 5 2.02 23.38 4.01
N SER A 6 3.07 23.35 3.21
CA SER A 6 3.43 22.15 2.45
C SER A 6 4.95 21.99 2.39
N GLY A 7 5.43 20.80 2.73
CA GLY A 7 6.85 20.54 2.71
C GLY A 7 7.17 19.06 2.58
N SER A 8 7.78 18.68 1.45
CA SER A 8 8.12 17.29 1.22
C SER A 8 9.33 16.88 2.06
N VAL A 9 10.31 17.77 2.15
CA VAL A 9 11.52 17.50 2.92
C VAL A 9 11.83 16.00 2.96
N GLY A 10 11.77 15.37 1.80
CA GLY A 10 12.05 13.94 1.72
C GLY A 10 11.33 13.28 0.57
N LYS A 11 11.55 11.98 0.41
CA LYS A 11 10.92 11.22 -0.67
C LYS A 11 9.43 11.54 -0.76
N PRO A 12 9.02 12.09 -1.91
CA PRO A 12 7.62 12.46 -2.17
C PRO A 12 6.72 11.25 -2.31
N TYR A 13 7.16 10.28 -3.10
CA TYR A 13 6.39 9.06 -3.32
C TYR A 13 6.21 8.28 -2.04
N ILE A 14 5.08 8.48 -1.37
CA ILE A 14 4.79 7.80 -0.12
C ILE A 14 3.74 6.71 -0.32
N CYS A 15 4.02 5.52 0.21
CA CYS A 15 3.11 4.39 0.10
C CYS A 15 1.74 4.75 0.66
N GLN A 16 0.71 4.53 -0.15
CA GLN A 16 -0.66 4.82 0.27
C GLN A 16 -1.27 3.64 1.02
N SER A 17 -0.40 2.77 1.54
CA SER A 17 -0.86 1.59 2.27
C SER A 17 -0.37 1.63 3.71
N CYS A 18 0.95 1.75 3.89
CA CYS A 18 1.55 1.80 5.21
C CYS A 18 2.01 3.21 5.55
N GLY A 19 2.67 3.85 4.59
CA GLY A 19 3.16 5.20 4.80
C GLY A 19 4.63 5.34 4.46
N LYS A 20 5.21 4.31 3.85
CA LYS A 20 6.61 4.32 3.47
C LYS A 20 6.89 5.43 2.47
N GLY A 21 8.15 5.53 2.04
CA GLY A 21 8.53 6.55 1.08
C GLY A 21 9.63 6.09 0.15
N PHE A 22 9.57 6.52 -1.10
CA PHE A 22 10.56 6.14 -2.10
C PHE A 22 10.93 7.33 -2.98
N SER A 23 12.08 7.23 -3.65
CA SER A 23 12.55 8.29 -4.51
C SER A 23 12.08 8.08 -5.95
N ARG A 24 11.97 6.81 -6.34
CA ARG A 24 11.52 6.47 -7.69
C ARG A 24 10.14 5.82 -7.66
N PRO A 25 9.41 5.93 -8.77
CA PRO A 25 8.07 5.36 -8.90
C PRO A 25 8.09 3.84 -8.94
N ASP A 26 9.03 3.29 -9.70
CA ASP A 26 9.16 1.84 -9.83
C ASP A 26 9.57 1.20 -8.50
N HIS A 27 10.45 1.88 -7.79
CA HIS A 27 10.94 1.39 -6.50
C HIS A 27 9.78 1.18 -5.53
N LEU A 28 8.93 2.19 -5.40
CA LEU A 28 7.78 2.11 -4.51
C LEU A 28 6.82 1.01 -4.96
N ASN A 29 6.55 0.97 -6.26
CA ASN A 29 5.64 -0.04 -6.81
C ASN A 29 6.01 -1.44 -6.32
N GLY A 30 7.28 -1.81 -6.49
CA GLY A 30 7.73 -3.12 -6.05
C GLY A 30 7.33 -3.42 -4.62
N HIS A 31 7.49 -2.44 -3.74
CA HIS A 31 7.14 -2.61 -2.34
C HIS A 31 5.65 -2.87 -2.18
N ILE A 32 4.83 -2.16 -2.95
CA ILE A 32 3.39 -2.31 -2.90
C ILE A 32 2.95 -3.60 -3.58
N LYS A 33 3.82 -4.15 -4.41
CA LYS A 33 3.52 -5.40 -5.12
C LYS A 33 4.37 -6.54 -4.59
N GLN A 34 5.20 -6.25 -3.59
CA GLN A 34 6.06 -7.26 -2.99
C GLN A 34 5.74 -7.44 -1.51
N VAL A 35 5.20 -6.40 -0.89
CA VAL A 35 4.85 -6.43 0.52
C VAL A 35 3.34 -6.27 0.72
N HIS A 36 2.74 -5.38 -0.06
CA HIS A 36 1.31 -5.13 0.03
C HIS A 36 0.55 -6.01 -0.95
N THR A 37 1.25 -6.96 -1.57
CA THR A 37 0.64 -7.86 -2.54
C THR A 37 0.05 -9.08 -1.84
N SER A 38 0.75 -9.59 -0.84
CA SER A 38 0.30 -10.76 -0.10
C SER A 38 -1.14 -10.57 0.39
N GLU A 39 -2.03 -11.43 -0.12
CA GLU A 39 -3.43 -11.36 0.27
C GLU A 39 -3.59 -11.36 1.78
N ARG A 40 -4.54 -10.56 2.27
CA ARG A 40 -4.79 -10.47 3.71
C ARG A 40 -6.27 -10.59 4.01
N PRO A 41 -6.60 -11.05 5.23
CA PRO A 41 -7.99 -11.22 5.67
C PRO A 41 -8.70 -9.89 5.87
N HIS A 42 -9.97 -9.96 6.26
CA HIS A 42 -10.77 -8.75 6.49
C HIS A 42 -11.41 -8.78 7.87
N LYS A 43 -11.52 -7.62 8.49
CA LYS A 43 -12.12 -7.51 9.82
C LYS A 43 -13.52 -8.09 9.84
N CYS A 44 -13.92 -8.65 10.97
CA CYS A 44 -15.24 -9.25 11.11
C CYS A 44 -16.34 -8.25 10.78
N GLN A 45 -16.99 -8.45 9.64
CA GLN A 45 -18.06 -7.56 9.19
C GLN A 45 -19.25 -7.63 10.15
N VAL A 46 -20.25 -6.79 9.89
CA VAL A 46 -21.45 -6.75 10.72
C VAL A 46 -22.30 -8.00 10.50
N TRP A 47 -23.06 -8.36 11.52
CA TRP A 47 -23.93 -9.53 11.44
C TRP A 47 -25.32 -9.16 10.93
N VAL A 48 -25.88 -10.00 10.07
CA VAL A 48 -27.20 -9.75 9.51
C VAL A 48 -28.11 -9.06 10.51
N SER A 49 -28.72 -7.96 10.08
CA SER A 49 -29.61 -7.20 10.95
C SER A 49 -30.45 -8.13 11.81
N GLY A 50 -31.15 -9.06 11.17
CA GLY A 50 -31.98 -10.00 11.90
C GLY A 50 -33.35 -10.19 11.25
N PRO A 51 -34.27 -9.26 11.53
CA PRO A 51 -35.64 -9.31 10.98
C PRO A 51 -35.66 -9.03 9.48
N SER A 52 -35.61 -10.09 8.69
CA SER A 52 -35.63 -9.97 7.24
C SER A 52 -37.03 -9.67 6.73
N SER A 53 -37.99 -10.49 7.17
CA SER A 53 -39.38 -10.31 6.76
C SER A 53 -39.72 -8.84 6.61
N GLY A 54 -39.99 -8.41 5.38
CA GLY A 54 -40.33 -7.03 5.12
C GLY A 54 -40.64 -6.76 3.67
N GLY A 1 8.28 -4.05 23.55
CA GLY A 1 6.82 -4.17 23.59
C GLY A 1 6.13 -2.93 23.06
N SER A 2 6.39 -1.79 23.68
CA SER A 2 5.78 -0.53 23.27
C SER A 2 6.72 0.25 22.35
N SER A 3 6.15 0.82 21.29
CA SER A 3 6.92 1.59 20.34
C SER A 3 6.36 3.00 20.18
N GLY A 4 7.11 3.86 19.50
CA GLY A 4 6.66 5.23 19.30
C GLY A 4 6.40 5.54 17.84
N SER A 5 6.51 6.82 17.47
CA SER A 5 6.28 7.24 16.10
C SER A 5 7.55 7.84 15.49
N SER A 6 7.85 7.43 14.26
CA SER A 6 9.04 7.91 13.57
C SER A 6 8.74 8.16 12.09
N GLY A 7 9.52 9.04 11.48
CA GLY A 7 9.33 9.35 10.07
C GLY A 7 10.20 10.50 9.61
N SER A 8 10.74 10.37 8.40
CA SER A 8 11.61 11.40 7.84
C SER A 8 11.02 11.97 6.55
N VAL A 9 10.97 13.29 6.47
CA VAL A 9 10.42 13.96 5.30
C VAL A 9 11.46 14.07 4.19
N GLY A 10 11.00 14.02 2.94
CA GLY A 10 11.91 14.12 1.82
C GLY A 10 11.33 13.50 0.56
N LYS A 11 11.27 12.17 0.51
CA LYS A 11 10.75 11.45 -0.64
C LYS A 11 9.25 11.71 -0.79
N PRO A 12 8.85 12.19 -1.97
CA PRO A 12 7.44 12.49 -2.27
C PRO A 12 6.60 11.23 -2.40
N TYR A 13 7.09 10.27 -3.18
CA TYR A 13 6.38 9.02 -3.39
C TYR A 13 6.20 8.27 -2.07
N ILE A 14 5.08 8.53 -1.40
CA ILE A 14 4.79 7.87 -0.12
C ILE A 14 3.76 6.77 -0.29
N CYS A 15 4.06 5.60 0.25
CA CYS A 15 3.16 4.45 0.15
C CYS A 15 1.79 4.79 0.75
N GLN A 16 0.74 4.57 -0.03
CA GLN A 16 -0.62 4.84 0.42
C GLN A 16 -1.20 3.65 1.17
N SER A 17 -0.31 2.78 1.67
CA SER A 17 -0.74 1.60 2.39
C SER A 17 -0.23 1.63 3.84
N CYS A 18 1.07 1.85 3.99
CA CYS A 18 1.68 1.90 5.31
C CYS A 18 2.15 3.32 5.63
N GLY A 19 2.81 3.95 4.67
CA GLY A 19 3.29 5.30 4.87
C GLY A 19 4.76 5.45 4.52
N LYS A 20 5.32 4.43 3.88
CA LYS A 20 6.72 4.45 3.48
C LYS A 20 6.99 5.55 2.46
N GLY A 21 8.25 5.66 2.03
CA GLY A 21 8.61 6.67 1.06
C GLY A 21 9.70 6.20 0.13
N PHE A 22 9.61 6.60 -1.14
CA PHE A 22 10.60 6.21 -2.14
C PHE A 22 10.95 7.39 -3.05
N SER A 23 12.07 7.29 -3.75
CA SER A 23 12.52 8.34 -4.64
C SER A 23 12.05 8.08 -6.07
N ARG A 24 11.94 6.80 -6.42
CA ARG A 24 11.50 6.41 -7.75
C ARG A 24 10.11 5.78 -7.72
N PRO A 25 9.40 5.85 -8.84
CA PRO A 25 8.04 5.30 -8.96
C PRO A 25 8.05 3.78 -8.95
N ASP A 26 8.95 3.18 -9.73
CA ASP A 26 9.07 1.73 -9.81
C ASP A 26 9.50 1.14 -8.47
N HIS A 27 10.43 1.82 -7.81
CA HIS A 27 10.94 1.36 -6.52
C HIS A 27 9.79 1.16 -5.53
N LEU A 28 8.95 2.18 -5.40
CA LEU A 28 7.82 2.11 -4.48
C LEU A 28 6.85 1.00 -4.89
N ASN A 29 6.55 0.93 -6.18
CA ASN A 29 5.65 -0.09 -6.71
C ASN A 29 6.04 -1.48 -6.21
N GLY A 30 7.30 -1.87 -6.47
CA GLY A 30 7.78 -3.16 -6.05
C GLY A 30 7.45 -3.46 -4.59
N HIS A 31 7.54 -2.44 -3.75
CA HIS A 31 7.25 -2.59 -2.33
C HIS A 31 5.77 -2.89 -2.10
N ILE A 32 4.91 -2.20 -2.85
CA ILE A 32 3.47 -2.39 -2.73
C ILE A 32 3.04 -3.71 -3.37
N LYS A 33 3.87 -4.23 -4.26
CA LYS A 33 3.59 -5.49 -4.94
C LYS A 33 4.46 -6.62 -4.40
N GLN A 34 5.32 -6.29 -3.45
CA GLN A 34 6.21 -7.27 -2.85
C GLN A 34 5.92 -7.44 -1.36
N VAL A 35 5.41 -6.38 -0.74
CA VAL A 35 5.08 -6.42 0.67
C VAL A 35 3.57 -6.28 0.90
N HIS A 36 2.94 -5.41 0.11
CA HIS A 36 1.51 -5.19 0.22
C HIS A 36 0.74 -6.08 -0.75
N THR A 37 1.44 -7.04 -1.34
CA THR A 37 0.84 -7.96 -2.30
C THR A 37 0.20 -9.15 -1.58
N SER A 38 -1.07 -9.41 -1.90
CA SER A 38 -1.80 -10.52 -1.28
C SER A 38 -1.03 -11.83 -1.45
N GLU A 39 -0.51 -12.36 -0.34
CA GLU A 39 0.24 -13.61 -0.37
C GLU A 39 0.43 -14.15 1.04
N ARG A 40 0.00 -15.40 1.25
CA ARG A 40 0.12 -16.04 2.54
C ARG A 40 0.46 -17.53 2.39
N PRO A 41 1.23 -18.05 3.36
CA PRO A 41 1.64 -19.47 3.35
C PRO A 41 0.48 -20.40 3.62
N HIS A 42 0.67 -21.68 3.26
CA HIS A 42 -0.38 -22.68 3.47
C HIS A 42 0.01 -23.63 4.59
N LYS A 43 0.53 -23.08 5.68
CA LYS A 43 0.95 -23.88 6.83
C LYS A 43 0.14 -23.51 8.06
N CYS A 44 -1.02 -24.14 8.22
CA CYS A 44 -1.89 -23.87 9.37
C CYS A 44 -2.94 -24.97 9.51
N GLN A 45 -3.45 -25.13 10.72
CA GLN A 45 -4.46 -26.14 11.00
C GLN A 45 -5.71 -25.92 10.14
N VAL A 46 -5.94 -26.84 9.21
CA VAL A 46 -7.10 -26.76 8.33
C VAL A 46 -8.27 -27.57 8.87
N TRP A 47 -9.48 -27.08 8.62
CA TRP A 47 -10.68 -27.76 9.08
C TRP A 47 -11.68 -27.96 7.93
N VAL A 48 -12.34 -29.11 7.91
CA VAL A 48 -13.31 -29.42 6.87
C VAL A 48 -14.06 -28.16 6.43
N SER A 49 -13.61 -27.57 5.33
CA SER A 49 -14.24 -26.36 4.80
C SER A 49 -14.62 -26.54 3.33
N GLY A 50 -15.81 -27.08 3.10
CA GLY A 50 -16.27 -27.30 1.74
C GLY A 50 -17.03 -28.60 1.58
N PRO A 51 -16.31 -29.66 1.17
CA PRO A 51 -16.90 -30.99 0.96
C PRO A 51 -17.28 -31.65 2.28
N SER A 52 -18.56 -31.56 2.63
CA SER A 52 -19.06 -32.16 3.86
C SER A 52 -19.33 -33.65 3.69
N SER A 53 -18.43 -34.33 2.98
CA SER A 53 -18.56 -35.76 2.73
C SER A 53 -17.25 -36.48 2.97
N GLY A 54 -17.32 -37.81 3.06
CA GLY A 54 -16.12 -38.59 3.28
C GLY A 54 -16.26 -39.55 4.45
N GLY A 1 2.43 4.37 26.04
CA GLY A 1 3.49 5.20 25.50
C GLY A 1 2.96 6.46 24.84
N SER A 2 3.86 7.40 24.57
CA SER A 2 3.48 8.67 23.95
C SER A 2 4.36 8.97 22.74
N SER A 3 3.78 9.62 21.74
CA SER A 3 4.51 9.96 20.53
C SER A 3 5.37 11.20 20.74
N GLY A 4 6.19 11.53 19.74
CA GLY A 4 7.05 12.70 19.85
C GLY A 4 8.46 12.41 19.34
N SER A 5 8.75 12.88 18.13
CA SER A 5 10.07 12.68 17.53
C SER A 5 10.21 13.48 16.24
N SER A 6 11.41 13.96 15.98
CA SER A 6 11.68 14.75 14.78
C SER A 6 12.45 13.92 13.75
N GLY A 7 12.27 14.26 12.47
CA GLY A 7 12.95 13.54 11.41
C GLY A 7 12.98 14.32 10.11
N SER A 8 13.82 13.89 9.18
CA SER A 8 13.95 14.56 7.89
C SER A 8 14.07 13.54 6.76
N VAL A 9 13.23 13.70 5.74
CA VAL A 9 13.24 12.80 4.61
C VAL A 9 13.01 13.56 3.30
N GLY A 10 13.50 12.99 2.20
CA GLY A 10 13.33 13.63 0.90
C GLY A 10 12.71 12.70 -0.12
N LYS A 11 11.57 12.11 0.22
CA LYS A 11 10.89 11.19 -0.67
C LYS A 11 9.40 11.51 -0.74
N PRO A 12 8.95 12.09 -1.86
CA PRO A 12 7.54 12.45 -2.07
C PRO A 12 6.65 11.23 -2.23
N TYR A 13 7.07 10.30 -3.08
CA TYR A 13 6.30 9.09 -3.31
C TYR A 13 6.14 8.28 -2.03
N ILE A 14 5.02 8.51 -1.33
CA ILE A 14 4.75 7.80 -0.09
C ILE A 14 3.76 6.66 -0.31
N CYS A 15 4.09 5.48 0.21
CA CYS A 15 3.23 4.32 0.06
C CYS A 15 1.84 4.60 0.62
N GLN A 16 0.83 4.37 -0.21
CA GLN A 16 -0.55 4.60 0.20
C GLN A 16 -1.13 3.38 0.90
N SER A 17 -0.24 2.52 1.40
CA SER A 17 -0.66 1.30 2.08
C SER A 17 -0.21 1.32 3.54
N CYS A 18 1.03 1.75 3.76
CA CYS A 18 1.58 1.82 5.11
C CYS A 18 2.02 3.24 5.44
N GLY A 19 2.75 3.86 4.52
CA GLY A 19 3.22 5.22 4.74
C GLY A 19 4.67 5.40 4.33
N LYS A 20 5.30 4.32 3.89
CA LYS A 20 6.69 4.35 3.48
C LYS A 20 6.92 5.47 2.47
N GLY A 21 8.18 5.61 2.02
CA GLY A 21 8.50 6.65 1.06
C GLY A 21 9.62 6.23 0.13
N PHE A 22 9.52 6.64 -1.13
CA PHE A 22 10.52 6.31 -2.14
C PHE A 22 10.83 7.51 -3.03
N SER A 23 11.95 7.44 -3.74
CA SER A 23 12.36 8.52 -4.63
C SER A 23 11.92 8.25 -6.06
N ARG A 24 11.69 6.97 -6.38
CA ARG A 24 11.27 6.58 -7.71
C ARG A 24 9.91 5.88 -7.67
N PRO A 25 9.16 5.97 -8.77
CA PRO A 25 7.83 5.37 -8.89
C PRO A 25 7.89 3.85 -8.94
N ASP A 26 8.85 3.32 -9.69
CA ASP A 26 9.01 1.87 -9.81
C ASP A 26 9.50 1.27 -8.50
N HIS A 27 10.44 1.94 -7.84
CA HIS A 27 10.98 1.47 -6.58
C HIS A 27 9.87 1.24 -5.56
N LEU A 28 8.97 2.21 -5.45
CA LEU A 28 7.86 2.12 -4.51
C LEU A 28 6.92 0.99 -4.90
N ASN A 29 6.59 0.91 -6.19
CA ASN A 29 5.69 -0.13 -6.69
C ASN A 29 6.13 -1.51 -6.21
N GLY A 30 7.38 -1.85 -6.48
CA GLY A 30 7.91 -3.14 -6.06
C GLY A 30 7.59 -3.46 -4.62
N HIS A 31 7.75 -2.47 -3.75
CA HIS A 31 7.48 -2.65 -2.32
C HIS A 31 6.00 -2.97 -2.09
N ILE A 32 5.13 -2.28 -2.81
CA ILE A 32 3.69 -2.50 -2.68
C ILE A 32 3.28 -3.81 -3.33
N LYS A 33 4.15 -4.37 -4.16
CA LYS A 33 3.88 -5.62 -4.85
C LYS A 33 4.67 -6.77 -4.22
N GLN A 34 5.58 -6.42 -3.31
CA GLN A 34 6.40 -7.42 -2.63
C GLN A 34 6.05 -7.50 -1.15
N VAL A 35 5.51 -6.41 -0.61
CA VAL A 35 5.13 -6.35 0.80
C VAL A 35 3.62 -6.20 0.95
N HIS A 36 3.01 -5.45 0.05
CA HIS A 36 1.57 -5.22 0.08
C HIS A 36 0.85 -6.11 -0.93
N THR A 37 1.55 -7.15 -1.38
CA THR A 37 0.97 -8.08 -2.36
C THR A 37 0.25 -9.23 -1.66
N SER A 38 -1.04 -9.04 -1.42
CA SER A 38 -1.85 -10.06 -0.76
C SER A 38 -3.34 -9.78 -0.93
N GLU A 39 -4.17 -10.71 -0.49
CA GLU A 39 -5.62 -10.57 -0.59
C GLU A 39 -6.17 -9.79 0.59
N ARG A 40 -7.01 -8.79 0.30
CA ARG A 40 -7.61 -7.98 1.34
C ARG A 40 -9.07 -7.66 1.01
N PRO A 41 -9.89 -7.47 2.06
CA PRO A 41 -11.31 -7.17 1.91
C PRO A 41 -11.54 -5.76 1.37
N HIS A 42 -11.61 -5.65 0.04
CA HIS A 42 -11.83 -4.36 -0.61
C HIS A 42 -13.30 -4.17 -0.96
N LYS A 43 -13.85 -3.03 -0.56
CA LYS A 43 -15.25 -2.73 -0.83
C LYS A 43 -15.54 -2.77 -2.33
N CYS A 44 -16.82 -2.86 -2.69
CA CYS A 44 -17.22 -2.91 -4.08
C CYS A 44 -16.87 -1.61 -4.80
N GLN A 45 -15.62 -1.50 -5.24
CA GLN A 45 -15.16 -0.30 -5.93
C GLN A 45 -15.37 -0.43 -7.43
N VAL A 46 -16.49 -1.03 -7.83
CA VAL A 46 -16.81 -1.21 -9.23
C VAL A 46 -18.31 -1.41 -9.43
N TRP A 47 -18.84 -0.79 -10.49
CA TRP A 47 -20.26 -0.90 -10.79
C TRP A 47 -20.79 -2.28 -10.44
N VAL A 48 -20.29 -3.30 -11.12
CA VAL A 48 -20.72 -4.67 -10.88
C VAL A 48 -19.57 -5.65 -11.06
N SER A 49 -19.18 -6.32 -9.98
CA SER A 49 -18.09 -7.28 -10.03
C SER A 49 -18.62 -8.71 -10.10
N GLY A 50 -19.60 -9.00 -9.27
CA GLY A 50 -20.19 -10.34 -9.26
C GLY A 50 -21.20 -10.51 -8.14
N PRO A 51 -22.03 -11.56 -8.26
CA PRO A 51 -23.07 -11.87 -7.27
C PRO A 51 -22.48 -12.35 -5.95
N SER A 52 -22.95 -11.76 -4.85
CA SER A 52 -22.47 -12.12 -3.52
C SER A 52 -23.63 -12.27 -2.54
N SER A 53 -23.87 -13.49 -2.09
CA SER A 53 -24.94 -13.76 -1.15
C SER A 53 -24.73 -13.00 0.16
N GLY A 54 -23.51 -13.04 0.66
CA GLY A 54 -23.18 -12.36 1.89
C GLY A 54 -22.31 -11.14 1.68
N GLY A 1 -10.19 23.37 10.38
CA GLY A 1 -9.61 22.17 10.95
C GLY A 1 -8.18 22.36 11.40
N SER A 2 -7.92 22.09 12.66
CA SER A 2 -6.58 22.25 13.22
C SER A 2 -5.57 21.37 12.48
N SER A 3 -4.68 22.01 11.73
CA SER A 3 -3.66 21.28 10.97
C SER A 3 -2.34 21.26 11.72
N GLY A 4 -1.47 20.34 11.33
CA GLY A 4 -0.17 20.22 11.98
C GLY A 4 0.94 19.90 11.00
N SER A 5 1.54 18.72 11.15
CA SER A 5 2.62 18.30 10.28
C SER A 5 2.23 17.05 9.49
N SER A 6 2.37 17.12 8.17
CA SER A 6 2.04 16.00 7.30
C SER A 6 3.09 14.89 7.40
N GLY A 7 4.36 15.28 7.30
CA GLY A 7 5.44 14.32 7.38
C GLY A 7 6.80 14.97 7.34
N SER A 8 7.65 14.52 6.42
CA SER A 8 8.99 15.06 6.28
C SER A 8 9.39 15.14 4.81
N VAL A 9 10.15 16.18 4.46
CA VAL A 9 10.60 16.38 3.10
C VAL A 9 11.55 15.27 2.67
N GLY A 10 11.78 15.16 1.37
CA GLY A 10 12.66 14.14 0.85
C GLY A 10 12.03 13.32 -0.26
N LYS A 11 11.43 12.20 0.11
CA LYS A 11 10.78 11.33 -0.86
C LYS A 11 9.28 11.60 -0.91
N PRO A 12 8.80 12.10 -2.07
CA PRO A 12 7.39 12.42 -2.27
C PRO A 12 6.53 11.17 -2.36
N TYR A 13 6.96 10.21 -3.19
CA TYR A 13 6.23 8.97 -3.37
C TYR A 13 6.09 8.22 -2.05
N ILE A 14 4.97 8.45 -1.37
CA ILE A 14 4.71 7.80 -0.09
C ILE A 14 3.67 6.69 -0.24
N CYS A 15 4.05 5.48 0.17
CA CYS A 15 3.16 4.33 0.09
C CYS A 15 1.79 4.65 0.71
N GLN A 16 0.73 4.40 -0.05
CA GLN A 16 -0.63 4.66 0.43
C GLN A 16 -1.19 3.45 1.17
N SER A 17 -0.30 2.56 1.60
CA SER A 17 -0.70 1.35 2.31
C SER A 17 -0.21 1.38 3.76
N CYS A 18 1.07 1.75 3.93
CA CYS A 18 1.68 1.81 5.25
C CYS A 18 2.13 3.24 5.57
N GLY A 19 2.87 3.83 4.63
CA GLY A 19 3.36 5.19 4.83
C GLY A 19 4.81 5.34 4.39
N LYS A 20 5.39 4.27 3.89
CA LYS A 20 6.77 4.29 3.44
C LYS A 20 6.99 5.40 2.41
N GLY A 21 8.25 5.60 2.01
CA GLY A 21 8.57 6.63 1.03
C GLY A 21 9.65 6.19 0.08
N PHE A 22 9.56 6.64 -1.17
CA PHE A 22 10.55 6.30 -2.18
C PHE A 22 10.84 7.49 -3.09
N SER A 23 11.89 7.38 -3.89
CA SER A 23 12.28 8.45 -4.80
C SER A 23 11.77 8.16 -6.21
N ARG A 24 11.73 6.89 -6.57
CA ARG A 24 11.26 6.49 -7.89
C ARG A 24 9.91 5.78 -7.80
N PRO A 25 9.15 5.81 -8.90
CA PRO A 25 7.83 5.17 -8.97
C PRO A 25 7.93 3.65 -8.97
N ASP A 26 8.94 3.12 -9.65
CA ASP A 26 9.15 1.68 -9.73
C ASP A 26 9.63 1.13 -8.39
N HIS A 27 10.45 1.91 -7.69
CA HIS A 27 10.97 1.50 -6.39
C HIS A 27 9.85 1.25 -5.39
N LEU A 28 8.96 2.23 -5.24
CA LEU A 28 7.84 2.12 -4.32
C LEU A 28 6.92 0.98 -4.73
N ASN A 29 6.60 0.92 -6.02
CA ASN A 29 5.73 -0.13 -6.54
C ASN A 29 6.17 -1.51 -6.05
N GLY A 30 7.45 -1.82 -6.29
CA GLY A 30 7.98 -3.11 -5.87
C GLY A 30 7.64 -3.45 -4.44
N HIS A 31 7.69 -2.43 -3.57
CA HIS A 31 7.38 -2.63 -2.16
C HIS A 31 5.90 -2.97 -1.97
N ILE A 32 5.04 -2.28 -2.69
CA ILE A 32 3.61 -2.50 -2.60
C ILE A 32 3.22 -3.82 -3.27
N LYS A 33 4.09 -4.32 -4.13
CA LYS A 33 3.85 -5.58 -4.84
C LYS A 33 4.74 -6.69 -4.29
N GLN A 34 5.54 -6.36 -3.27
CA GLN A 34 6.44 -7.33 -2.67
C GLN A 34 6.14 -7.50 -1.19
N VAL A 35 5.56 -6.46 -0.59
CA VAL A 35 5.22 -6.51 0.83
C VAL A 35 3.71 -6.40 1.04
N HIS A 36 3.07 -5.53 0.27
CA HIS A 36 1.62 -5.35 0.36
C HIS A 36 0.89 -6.31 -0.57
N THR A 37 1.56 -6.72 -1.64
CA THR A 37 0.97 -7.63 -2.61
C THR A 37 0.03 -8.62 -1.94
N SER A 38 -1.03 -9.00 -2.64
CA SER A 38 -2.00 -9.94 -2.11
C SER A 38 -2.75 -9.33 -0.93
N GLU A 39 -3.35 -8.16 -1.16
CA GLU A 39 -4.09 -7.47 -0.12
C GLU A 39 -5.48 -8.10 0.06
N ARG A 40 -6.23 -7.59 1.02
CA ARG A 40 -7.58 -8.09 1.30
C ARG A 40 -8.63 -7.03 1.00
N PRO A 41 -9.82 -7.49 0.58
CA PRO A 41 -10.93 -6.59 0.25
C PRO A 41 -11.51 -5.92 1.49
N HIS A 42 -11.02 -4.73 1.81
CA HIS A 42 -11.49 -3.97 2.96
C HIS A 42 -11.11 -2.50 2.85
N LYS A 43 -11.50 -1.72 3.85
CA LYS A 43 -11.20 -0.29 3.87
C LYS A 43 -11.22 0.28 2.45
N CYS A 44 -12.23 -0.10 1.67
CA CYS A 44 -12.36 0.38 0.30
C CYS A 44 -13.46 1.42 0.20
N GLN A 45 -13.11 2.62 -0.26
CA GLN A 45 -14.08 3.70 -0.41
C GLN A 45 -14.38 3.97 -1.89
N VAL A 46 -15.35 3.23 -2.42
CA VAL A 46 -15.74 3.38 -3.82
C VAL A 46 -17.25 3.26 -3.99
N TRP A 47 -17.83 4.19 -4.74
CA TRP A 47 -19.27 4.19 -4.98
C TRP A 47 -19.62 3.35 -6.22
N VAL A 48 -18.83 3.52 -7.27
CA VAL A 48 -19.04 2.79 -8.51
C VAL A 48 -18.97 1.28 -8.28
N SER A 49 -19.12 0.51 -9.35
CA SER A 49 -19.07 -0.95 -9.26
C SER A 49 -18.15 -1.53 -10.33
N GLY A 50 -16.93 -1.88 -9.91
CA GLY A 50 -15.97 -2.44 -10.85
C GLY A 50 -14.64 -2.76 -10.18
N PRO A 51 -14.06 -3.92 -10.54
CA PRO A 51 -12.78 -4.37 -9.99
C PRO A 51 -11.61 -3.53 -10.47
N SER A 52 -10.48 -3.62 -9.78
CA SER A 52 -9.29 -2.87 -10.13
C SER A 52 -8.74 -3.33 -11.47
N SER A 53 -8.67 -4.64 -11.66
CA SER A 53 -8.15 -5.22 -12.89
C SER A 53 -8.56 -6.68 -13.03
N GLY A 54 -8.69 -7.14 -14.27
CA GLY A 54 -9.08 -8.51 -14.51
C GLY A 54 -8.08 -9.50 -13.95
N GLY A 1 8.33 4.89 23.63
CA GLY A 1 6.95 5.04 23.21
C GLY A 1 6.77 6.14 22.18
N SER A 2 7.08 7.37 22.58
CA SER A 2 6.95 8.52 21.68
C SER A 2 8.29 8.86 21.05
N SER A 3 8.33 8.82 19.71
CA SER A 3 9.55 9.13 18.98
C SER A 3 9.22 9.80 17.65
N GLY A 4 9.83 10.96 17.43
CA GLY A 4 9.60 11.70 16.20
C GLY A 4 10.87 12.28 15.63
N SER A 5 10.74 13.37 14.88
CA SER A 5 11.88 14.02 14.25
C SER A 5 12.82 12.99 13.65
N SER A 6 12.26 12.06 12.88
CA SER A 6 13.04 11.02 12.24
C SER A 6 13.21 11.30 10.75
N GLY A 7 14.46 11.42 10.31
CA GLY A 7 14.73 11.70 8.91
C GLY A 7 14.24 13.06 8.48
N SER A 8 14.42 13.37 7.20
CA SER A 8 14.00 14.66 6.66
C SER A 8 13.00 14.47 5.52
N VAL A 9 12.30 15.53 5.17
CA VAL A 9 11.30 15.49 4.09
C VAL A 9 12.00 15.40 2.73
N GLY A 10 11.96 14.21 2.13
CA GLY A 10 12.58 14.02 0.83
C GLY A 10 11.72 13.18 -0.09
N LYS A 11 11.85 11.86 0.02
CA LYS A 11 11.08 10.95 -0.81
C LYS A 11 9.60 11.34 -0.83
N PRO A 12 9.16 11.92 -1.96
CA PRO A 12 7.77 12.35 -2.13
C PRO A 12 6.81 11.17 -2.24
N TYR A 13 7.15 10.22 -3.10
CA TYR A 13 6.31 9.04 -3.30
C TYR A 13 6.14 8.26 -1.99
N ILE A 14 5.09 8.58 -1.25
CA ILE A 14 4.81 7.92 0.01
C ILE A 14 3.77 6.82 -0.17
N CYS A 15 4.12 5.60 0.24
CA CYS A 15 3.21 4.47 0.13
C CYS A 15 1.84 4.80 0.71
N GLN A 16 0.80 4.57 -0.09
CA GLN A 16 -0.56 4.85 0.34
C GLN A 16 -1.18 3.65 1.04
N SER A 17 -0.31 2.77 1.54
CA SER A 17 -0.77 1.56 2.24
C SER A 17 -0.31 1.57 3.69
N CYS A 18 0.96 1.92 3.90
CA CYS A 18 1.52 1.97 5.24
C CYS A 18 2.03 3.37 5.57
N GLY A 19 2.77 3.95 4.63
CA GLY A 19 3.30 5.29 4.84
C GLY A 19 4.74 5.40 4.39
N LYS A 20 5.31 4.31 3.91
CA LYS A 20 6.70 4.29 3.45
C LYS A 20 6.96 5.42 2.48
N GLY A 21 8.21 5.56 2.05
CA GLY A 21 8.57 6.60 1.11
C GLY A 21 9.66 6.17 0.14
N PHE A 22 9.59 6.68 -1.08
CA PHE A 22 10.57 6.34 -2.10
C PHE A 22 10.90 7.55 -2.97
N SER A 23 11.78 7.36 -3.94
CA SER A 23 12.18 8.43 -4.84
C SER A 23 11.65 8.18 -6.25
N ARG A 24 11.60 6.91 -6.64
CA ARG A 24 11.11 6.54 -7.97
C ARG A 24 9.78 5.81 -7.87
N PRO A 25 8.99 5.89 -8.95
CA PRO A 25 7.67 5.24 -9.02
C PRO A 25 7.78 3.71 -9.07
N ASP A 26 8.82 3.22 -9.72
CA ASP A 26 9.05 1.79 -9.85
C ASP A 26 9.58 1.20 -8.54
N HIS A 27 10.34 2.00 -7.81
CA HIS A 27 10.92 1.57 -6.54
C HIS A 27 9.82 1.32 -5.50
N LEU A 28 8.94 2.30 -5.33
CA LEU A 28 7.85 2.19 -4.37
C LEU A 28 6.89 1.07 -4.78
N ASN A 29 6.56 1.01 -6.06
CA ASN A 29 5.66 -0.01 -6.57
C ASN A 29 6.10 -1.40 -6.14
N GLY A 30 7.38 -1.71 -6.36
CA GLY A 30 7.91 -3.01 -5.98
C GLY A 30 7.61 -3.35 -4.54
N HIS A 31 7.71 -2.37 -3.65
CA HIS A 31 7.45 -2.58 -2.24
C HIS A 31 5.98 -2.93 -2.00
N ILE A 32 5.09 -2.25 -2.72
CA ILE A 32 3.66 -2.49 -2.59
C ILE A 32 3.27 -3.84 -3.20
N LYS A 33 4.10 -4.33 -4.11
CA LYS A 33 3.85 -5.61 -4.76
C LYS A 33 4.68 -6.72 -4.13
N GLN A 34 5.48 -6.36 -3.14
CA GLN A 34 6.32 -7.32 -2.45
C GLN A 34 5.91 -7.45 -0.98
N VAL A 35 5.41 -6.37 -0.41
CA VAL A 35 4.99 -6.36 0.99
C VAL A 35 3.48 -6.21 1.09
N HIS A 36 2.91 -5.37 0.22
CA HIS A 36 1.47 -5.14 0.22
C HIS A 36 0.78 -6.03 -0.80
N THR A 37 1.49 -7.03 -1.29
CA THR A 37 0.95 -7.96 -2.28
C THR A 37 0.27 -9.14 -1.60
N SER A 38 -0.80 -9.65 -2.22
CA SER A 38 -1.54 -10.78 -1.67
C SER A 38 -2.50 -11.35 -2.70
N GLU A 39 -2.90 -12.60 -2.50
CA GLU A 39 -3.83 -13.26 -3.42
C GLU A 39 -4.87 -12.27 -3.94
N ARG A 40 -5.22 -12.41 -5.21
CA ARG A 40 -6.21 -11.54 -5.84
C ARG A 40 -7.60 -11.81 -5.28
N PRO A 41 -8.41 -10.74 -5.19
CA PRO A 41 -9.78 -10.84 -4.67
C PRO A 41 -10.71 -11.59 -5.62
N HIS A 42 -10.17 -11.99 -6.77
CA HIS A 42 -10.95 -12.73 -7.77
C HIS A 42 -10.60 -14.21 -7.75
N LYS A 43 -11.46 -15.01 -7.14
CA LYS A 43 -11.24 -16.45 -7.04
C LYS A 43 -12.57 -17.19 -6.96
N CYS A 44 -12.94 -17.88 -8.04
CA CYS A 44 -14.19 -18.63 -8.09
C CYS A 44 -13.97 -20.00 -8.71
N GLN A 45 -14.99 -20.85 -8.67
CA GLN A 45 -14.91 -22.19 -9.22
C GLN A 45 -15.20 -22.17 -10.72
N VAL A 46 -14.62 -21.20 -11.42
CA VAL A 46 -14.82 -21.08 -12.86
C VAL A 46 -13.75 -21.86 -13.63
N TRP A 47 -12.51 -21.78 -13.15
CA TRP A 47 -11.41 -22.47 -13.79
C TRP A 47 -11.78 -23.91 -14.12
N VAL A 48 -12.45 -24.58 -13.18
CA VAL A 48 -12.87 -25.96 -13.36
C VAL A 48 -14.08 -26.29 -12.50
N SER A 49 -14.99 -27.08 -13.04
CA SER A 49 -16.19 -27.48 -12.32
C SER A 49 -15.85 -27.89 -10.88
N GLY A 50 -16.83 -27.78 -10.00
CA GLY A 50 -16.63 -28.15 -8.61
C GLY A 50 -17.84 -27.90 -7.75
N PRO A 51 -18.13 -28.84 -6.84
CA PRO A 51 -19.29 -28.74 -5.93
C PRO A 51 -19.11 -27.64 -4.89
N SER A 52 -19.87 -26.56 -5.05
CA SER A 52 -19.81 -25.44 -4.12
C SER A 52 -20.92 -25.51 -3.09
N SER A 53 -20.71 -26.33 -2.06
CA SER A 53 -21.71 -26.50 -1.01
C SER A 53 -21.03 -26.73 0.34
N GLY A 54 -21.27 -25.83 1.28
CA GLY A 54 -20.68 -25.96 2.60
C GLY A 54 -21.51 -26.80 3.53
N GLY A 1 10.86 23.85 26.95
CA GLY A 1 11.64 23.65 25.74
C GLY A 1 10.79 23.68 24.49
N SER A 2 11.18 24.50 23.52
CA SER A 2 10.43 24.62 22.27
C SER A 2 11.02 23.70 21.20
N SER A 3 10.23 22.72 20.78
CA SER A 3 10.67 21.76 19.77
C SER A 3 9.84 21.90 18.50
N GLY A 4 10.52 22.01 17.36
CA GLY A 4 9.83 22.15 16.09
C GLY A 4 9.62 20.83 15.40
N SER A 5 10.00 20.76 14.13
CA SER A 5 9.85 19.53 13.35
C SER A 5 10.71 19.58 12.09
N SER A 6 11.60 18.59 11.96
CA SER A 6 12.49 18.51 10.82
C SER A 6 11.83 17.76 9.66
N GLY A 7 11.43 18.50 8.64
CA GLY A 7 10.80 17.89 7.48
C GLY A 7 11.64 18.01 6.22
N SER A 8 12.77 17.30 6.20
CA SER A 8 13.66 17.33 5.05
C SER A 8 13.05 16.59 3.87
N VAL A 9 12.93 17.28 2.74
CA VAL A 9 12.37 16.68 1.53
C VAL A 9 13.32 15.66 0.92
N GLY A 10 12.92 14.40 0.95
CA GLY A 10 13.76 13.35 0.40
C GLY A 10 12.98 12.40 -0.51
N LYS A 11 12.03 11.68 0.08
CA LYS A 11 11.22 10.74 -0.69
C LYS A 11 9.76 11.17 -0.70
N PRO A 12 9.34 11.82 -1.80
CA PRO A 12 7.97 12.30 -1.96
C PRO A 12 6.97 11.15 -2.14
N TYR A 13 7.29 10.23 -3.03
CA TYR A 13 6.43 9.09 -3.30
C TYR A 13 6.19 8.27 -2.03
N ILE A 14 5.12 8.59 -1.32
CA ILE A 14 4.77 7.90 -0.09
C ILE A 14 3.77 6.78 -0.35
N CYS A 15 4.04 5.60 0.22
CA CYS A 15 3.16 4.45 0.05
C CYS A 15 1.76 4.76 0.59
N GLN A 16 0.75 4.60 -0.25
CA GLN A 16 -0.63 4.84 0.14
C GLN A 16 -1.24 3.62 0.83
N SER A 17 -0.37 2.70 1.25
CA SER A 17 -0.83 1.48 1.91
C SER A 17 -0.40 1.47 3.37
N CYS A 18 0.85 1.84 3.62
CA CYS A 18 1.39 1.87 4.98
C CYS A 18 1.86 3.28 5.35
N GLY A 19 2.62 3.90 4.45
CA GLY A 19 3.13 5.24 4.69
C GLY A 19 4.58 5.39 4.31
N LYS A 20 5.20 4.30 3.90
CA LYS A 20 6.60 4.31 3.49
C LYS A 20 6.86 5.42 2.49
N GLY A 21 8.13 5.60 2.13
CA GLY A 21 8.50 6.63 1.17
C GLY A 21 9.62 6.20 0.25
N PHE A 22 9.51 6.60 -1.02
CA PHE A 22 10.53 6.24 -2.01
C PHE A 22 10.88 7.44 -2.88
N SER A 23 11.96 7.31 -3.65
CA SER A 23 12.40 8.39 -4.52
C SER A 23 11.93 8.16 -5.96
N ARG A 24 11.80 6.90 -6.33
CA ARG A 24 11.36 6.55 -7.68
C ARG A 24 9.99 5.88 -7.64
N PRO A 25 9.25 5.96 -8.75
CA PRO A 25 7.92 5.37 -8.88
C PRO A 25 7.96 3.85 -8.91
N ASP A 26 8.88 3.31 -9.70
CA ASP A 26 9.02 1.86 -9.82
C ASP A 26 9.48 1.25 -8.51
N HIS A 27 10.34 1.97 -7.79
CA HIS A 27 10.85 1.49 -6.51
C HIS A 27 9.71 1.25 -5.52
N LEU A 28 8.86 2.27 -5.36
CA LEU A 28 7.73 2.17 -4.44
C LEU A 28 6.77 1.06 -4.88
N ASN A 29 6.46 1.03 -6.17
CA ASN A 29 5.54 0.03 -6.72
C ASN A 29 5.94 -1.36 -6.24
N GLY A 30 7.19 -1.73 -6.47
CA GLY A 30 7.67 -3.04 -6.06
C GLY A 30 7.30 -3.37 -4.62
N HIS A 31 7.44 -2.38 -3.74
CA HIS A 31 7.14 -2.57 -2.33
C HIS A 31 5.64 -2.86 -2.14
N ILE A 32 4.81 -2.16 -2.90
CA ILE A 32 3.37 -2.35 -2.81
C ILE A 32 2.94 -3.64 -3.49
N LYS A 33 3.80 -4.17 -4.36
CA LYS A 33 3.51 -5.40 -5.07
C LYS A 33 4.36 -6.55 -4.53
N GLN A 34 5.21 -6.25 -3.56
CA GLN A 34 6.07 -7.26 -2.96
C GLN A 34 5.76 -7.44 -1.48
N VAL A 35 5.25 -6.38 -0.85
CA VAL A 35 4.90 -6.43 0.56
C VAL A 35 3.39 -6.28 0.77
N HIS A 36 2.77 -5.45 -0.06
CA HIS A 36 1.33 -5.22 0.02
C HIS A 36 0.58 -6.13 -0.94
N THR A 37 1.30 -7.04 -1.57
CA THR A 37 0.70 -7.97 -2.53
C THR A 37 0.13 -9.19 -1.82
N SER A 38 0.87 -9.71 -0.84
CA SER A 38 0.44 -10.88 -0.09
C SER A 38 -0.83 -10.59 0.70
N GLU A 39 -1.43 -11.62 1.26
CA GLU A 39 -2.65 -11.47 2.05
C GLU A 39 -2.34 -11.38 3.53
N ARG A 40 -3.04 -10.49 4.23
CA ARG A 40 -2.84 -10.30 5.66
C ARG A 40 -3.57 -11.37 6.47
N PRO A 41 -3.05 -11.66 7.67
CA PRO A 41 -3.65 -12.66 8.55
C PRO A 41 -5.00 -12.22 9.12
N HIS A 42 -5.27 -10.93 9.02
CA HIS A 42 -6.53 -10.37 9.52
C HIS A 42 -7.69 -10.75 8.60
N LYS A 43 -7.44 -10.73 7.30
CA LYS A 43 -8.46 -11.07 6.32
C LYS A 43 -8.23 -12.46 5.74
N CYS A 44 -8.71 -13.48 6.45
CA CYS A 44 -8.55 -14.86 6.02
C CYS A 44 -9.91 -15.49 5.71
N GLN A 45 -9.88 -16.69 5.13
CA GLN A 45 -11.11 -17.39 4.79
C GLN A 45 -11.86 -17.83 6.04
N VAL A 46 -13.06 -18.36 5.84
CA VAL A 46 -13.89 -18.82 6.95
C VAL A 46 -13.27 -20.04 7.62
N TRP A 47 -13.42 -20.14 8.93
CA TRP A 47 -12.88 -21.27 9.69
C TRP A 47 -13.76 -21.59 10.87
N VAL A 48 -13.93 -22.90 11.14
CA VAL A 48 -14.75 -23.34 12.26
C VAL A 48 -14.64 -22.40 13.44
N SER A 49 -15.64 -21.52 13.60
CA SER A 49 -15.65 -20.56 14.69
C SER A 49 -16.97 -20.61 15.44
N GLY A 50 -17.00 -20.02 16.63
CA GLY A 50 -18.20 -20.01 17.44
C GLY A 50 -18.73 -18.61 17.67
N PRO A 51 -18.09 -17.87 18.58
CA PRO A 51 -18.49 -16.50 18.91
C PRO A 51 -18.19 -15.52 17.78
N SER A 52 -19.19 -15.31 16.92
CA SER A 52 -19.04 -14.39 15.79
C SER A 52 -20.31 -13.55 15.60
N SER A 53 -20.14 -12.24 15.56
CA SER A 53 -21.26 -11.33 15.39
C SER A 53 -21.43 -10.95 13.92
N GLY A 54 -20.32 -10.57 13.28
CA GLY A 54 -20.37 -10.19 11.89
C GLY A 54 -20.03 -8.72 11.68
N GLY A 1 -10.46 25.66 8.01
CA GLY A 1 -9.74 25.68 9.26
C GLY A 1 -8.54 24.75 9.25
N SER A 2 -7.35 25.33 9.24
CA SER A 2 -6.11 24.54 9.22
C SER A 2 -6.08 23.60 8.02
N SER A 3 -6.45 24.14 6.86
CA SER A 3 -6.47 23.34 5.63
C SER A 3 -5.19 23.55 4.83
N GLY A 4 -4.60 22.44 4.37
CA GLY A 4 -3.38 22.52 3.60
C GLY A 4 -2.19 21.92 4.33
N SER A 5 -2.33 20.67 4.78
CA SER A 5 -1.26 20.00 5.50
C SER A 5 -0.54 19.01 4.60
N SER A 6 0.48 19.51 3.89
CA SER A 6 1.25 18.67 2.99
C SER A 6 2.75 18.83 3.23
N GLY A 7 3.27 18.02 4.15
CA GLY A 7 4.69 18.08 4.47
C GLY A 7 5.45 16.87 3.98
N SER A 8 6.17 17.03 2.87
CA SER A 8 6.94 15.94 2.29
C SER A 8 8.38 16.37 2.02
N VAL A 9 9.33 15.57 2.49
CA VAL A 9 10.74 15.88 2.30
C VAL A 9 11.53 14.63 1.93
N GLY A 10 12.52 14.79 1.06
CA GLY A 10 13.34 13.66 0.64
C GLY A 10 12.62 12.79 -0.38
N LYS A 11 11.76 11.90 0.10
CA LYS A 11 11.02 11.01 -0.78
C LYS A 11 9.55 11.41 -0.85
N PRO A 12 9.14 11.97 -2.00
CA PRO A 12 7.76 12.41 -2.22
C PRO A 12 6.80 11.24 -2.34
N TYR A 13 7.16 10.26 -3.16
CA TYR A 13 6.33 9.08 -3.37
C TYR A 13 6.15 8.30 -2.06
N ILE A 14 5.03 8.56 -1.38
CA ILE A 14 4.73 7.89 -0.13
C ILE A 14 3.72 6.76 -0.33
N CYS A 15 4.05 5.57 0.18
CA CYS A 15 3.17 4.41 0.05
C CYS A 15 1.79 4.72 0.61
N GLN A 16 0.76 4.41 -0.17
CA GLN A 16 -0.61 4.66 0.24
C GLN A 16 -1.17 3.46 1.01
N SER A 17 -0.28 2.64 1.56
CA SER A 17 -0.68 1.47 2.31
C SER A 17 -0.18 1.55 3.75
N CYS A 18 1.13 1.69 3.91
CA CYS A 18 1.74 1.78 5.23
C CYS A 18 2.16 3.21 5.54
N GLY A 19 2.74 3.88 4.55
CA GLY A 19 3.18 5.25 4.73
C GLY A 19 4.65 5.44 4.39
N LYS A 20 5.26 4.40 3.85
CA LYS A 20 6.67 4.45 3.48
C LYS A 20 6.93 5.57 2.47
N GLY A 21 8.20 5.72 2.08
CA GLY A 21 8.55 6.75 1.12
C GLY A 21 9.66 6.32 0.18
N PHE A 22 9.53 6.68 -1.09
CA PHE A 22 10.52 6.31 -2.09
C PHE A 22 10.87 7.51 -2.97
N SER A 23 11.90 7.35 -3.79
CA SER A 23 12.33 8.43 -4.69
C SER A 23 11.85 8.17 -6.11
N ARG A 24 11.68 6.90 -6.45
CA ARG A 24 11.22 6.52 -7.79
C ARG A 24 9.86 5.82 -7.72
N PRO A 25 9.11 5.87 -8.83
CA PRO A 25 7.79 5.25 -8.92
C PRO A 25 7.87 3.73 -8.92
N ASP A 26 8.77 3.19 -9.74
CA ASP A 26 8.95 1.74 -9.84
C ASP A 26 9.46 1.16 -8.52
N HIS A 27 10.30 1.94 -7.84
CA HIS A 27 10.86 1.50 -6.56
C HIS A 27 9.77 1.27 -5.53
N LEU A 28 8.89 2.25 -5.37
CA LEU A 28 7.79 2.16 -4.42
C LEU A 28 6.85 1.02 -4.79
N ASN A 29 6.52 0.92 -6.07
CA ASN A 29 5.62 -0.13 -6.56
C ASN A 29 6.08 -1.50 -6.06
N GLY A 30 7.33 -1.84 -6.33
CA GLY A 30 7.87 -3.12 -5.91
C GLY A 30 7.55 -3.42 -4.45
N HIS A 31 7.58 -2.40 -3.62
CA HIS A 31 7.29 -2.57 -2.19
C HIS A 31 5.81 -2.89 -1.97
N ILE A 32 4.95 -2.22 -2.73
CA ILE A 32 3.51 -2.44 -2.62
C ILE A 32 3.10 -3.76 -3.27
N LYS A 33 3.99 -4.31 -4.10
CA LYS A 33 3.72 -5.56 -4.79
C LYS A 33 4.61 -6.68 -4.25
N GLN A 34 5.44 -6.35 -3.26
CA GLN A 34 6.35 -7.32 -2.67
C GLN A 34 6.08 -7.45 -1.17
N VAL A 35 5.59 -6.39 -0.55
CA VAL A 35 5.29 -6.39 0.87
C VAL A 35 3.79 -6.33 1.12
N HIS A 36 3.11 -5.46 0.36
CA HIS A 36 1.67 -5.30 0.49
C HIS A 36 0.92 -6.29 -0.41
N THR A 37 1.63 -6.82 -1.40
CA THR A 37 1.04 -7.78 -2.32
C THR A 37 0.20 -8.81 -1.58
N SER A 38 -0.91 -9.22 -2.19
CA SER A 38 -1.81 -10.20 -1.59
C SER A 38 -2.39 -11.12 -2.65
N GLU A 39 -3.07 -12.17 -2.20
CA GLU A 39 -3.68 -13.14 -3.11
C GLU A 39 -5.20 -13.14 -2.97
N ARG A 40 -5.88 -13.71 -3.96
CA ARG A 40 -7.34 -13.77 -3.95
C ARG A 40 -7.83 -15.07 -4.58
N PRO A 41 -8.88 -15.66 -4.00
CA PRO A 41 -9.47 -16.91 -4.48
C PRO A 41 -10.19 -16.72 -5.82
N HIS A 42 -10.61 -17.84 -6.41
CA HIS A 42 -11.30 -17.80 -7.69
C HIS A 42 -12.29 -16.63 -7.74
N LYS A 43 -11.91 -15.59 -8.47
CA LYS A 43 -12.76 -14.41 -8.61
C LYS A 43 -12.92 -14.02 -10.07
N CYS A 44 -13.96 -13.24 -10.36
CA CYS A 44 -14.22 -12.79 -11.72
C CYS A 44 -14.38 -13.99 -12.67
N GLN A 45 -15.13 -14.99 -12.23
CA GLN A 45 -15.36 -16.19 -13.03
C GLN A 45 -16.23 -15.87 -14.24
N VAL A 46 -16.20 -16.76 -15.24
CA VAL A 46 -16.98 -16.58 -16.45
C VAL A 46 -18.43 -16.30 -16.13
N TRP A 47 -18.85 -16.67 -14.93
CA TRP A 47 -20.23 -16.46 -14.49
C TRP A 47 -20.61 -14.99 -14.61
N VAL A 48 -19.63 -14.11 -14.52
CA VAL A 48 -19.86 -12.68 -14.61
C VAL A 48 -19.54 -12.16 -16.01
N SER A 49 -20.04 -12.87 -17.02
CA SER A 49 -19.80 -12.49 -18.41
C SER A 49 -20.99 -12.88 -19.29
N GLY A 50 -21.48 -11.92 -20.07
CA GLY A 50 -22.61 -12.18 -20.94
C GLY A 50 -22.39 -13.38 -21.84
N PRO A 51 -23.35 -13.63 -22.75
CA PRO A 51 -23.27 -14.75 -23.68
C PRO A 51 -22.18 -14.57 -24.73
N SER A 52 -21.06 -15.27 -24.56
CA SER A 52 -19.96 -15.17 -25.49
C SER A 52 -19.82 -16.45 -26.31
N SER A 53 -19.61 -16.30 -27.61
CA SER A 53 -19.47 -17.44 -28.50
C SER A 53 -18.03 -17.94 -28.52
N GLY A 54 -17.74 -18.97 -27.73
CA GLY A 54 -16.40 -19.52 -27.67
C GLY A 54 -16.18 -20.60 -28.70
N GLY A 1 -2.11 13.38 25.94
CA GLY A 1 -1.26 14.48 25.50
C GLY A 1 -1.17 14.57 24.00
N SER A 2 -1.65 15.67 23.44
CA SER A 2 -1.61 15.88 22.00
C SER A 2 -0.26 16.42 21.55
N SER A 3 0.80 15.82 22.07
CA SER A 3 2.16 16.23 21.74
C SER A 3 2.61 15.59 20.43
N GLY A 4 1.70 15.56 19.46
CA GLY A 4 2.03 14.97 18.17
C GLY A 4 2.73 15.95 17.25
N SER A 5 3.40 15.42 16.23
CA SER A 5 4.12 16.26 15.27
C SER A 5 4.01 15.71 13.86
N SER A 6 4.39 16.50 12.88
CA SER A 6 4.33 16.09 11.48
C SER A 6 5.14 17.04 10.60
N GLY A 7 5.53 16.54 9.42
CA GLY A 7 6.32 17.34 8.50
C GLY A 7 7.65 16.70 8.15
N SER A 8 7.64 15.90 7.09
CA SER A 8 8.85 15.21 6.65
C SER A 8 9.22 15.62 5.22
N VAL A 9 10.39 16.20 5.06
CA VAL A 9 10.86 16.63 3.75
C VAL A 9 11.83 15.62 3.15
N GLY A 10 11.43 15.01 2.03
CA GLY A 10 12.28 14.04 1.37
C GLY A 10 11.58 13.33 0.23
N LYS A 11 11.58 12.01 0.26
CA LYS A 11 10.94 11.21 -0.78
C LYS A 11 9.45 11.54 -0.87
N PRO A 12 9.02 12.06 -2.03
CA PRO A 12 7.62 12.42 -2.27
C PRO A 12 6.72 11.20 -2.37
N TYR A 13 7.14 10.22 -3.16
CA TYR A 13 6.36 9.00 -3.35
C TYR A 13 6.18 8.26 -2.02
N ILE A 14 5.07 8.53 -1.35
CA ILE A 14 4.76 7.90 -0.08
C ILE A 14 3.71 6.80 -0.24
N CYS A 15 4.06 5.59 0.18
CA CYS A 15 3.16 4.46 0.08
C CYS A 15 1.80 4.78 0.71
N GLN A 16 0.73 4.51 -0.02
CA GLN A 16 -0.62 4.77 0.47
C GLN A 16 -1.19 3.56 1.20
N SER A 17 -0.30 2.68 1.65
CA SER A 17 -0.70 1.46 2.36
C SER A 17 -0.20 1.48 3.79
N CYS A 18 1.07 1.83 3.97
CA CYS A 18 1.68 1.89 5.28
C CYS A 18 2.17 3.30 5.61
N GLY A 19 2.82 3.93 4.63
CA GLY A 19 3.32 5.28 4.83
C GLY A 19 4.76 5.43 4.41
N LYS A 20 5.35 4.34 3.92
CA LYS A 20 6.74 4.35 3.48
C LYS A 20 6.96 5.44 2.43
N GLY A 21 8.22 5.65 2.07
CA GLY A 21 8.56 6.66 1.08
C GLY A 21 9.66 6.21 0.14
N PHE A 22 9.55 6.61 -1.12
CA PHE A 22 10.55 6.24 -2.12
C PHE A 22 10.89 7.44 -3.00
N SER A 23 11.97 7.31 -3.77
CA SER A 23 12.41 8.39 -4.66
C SER A 23 11.94 8.13 -6.09
N ARG A 24 11.84 6.87 -6.46
CA ARG A 24 11.41 6.49 -7.80
C ARG A 24 10.03 5.82 -7.76
N PRO A 25 9.31 5.87 -8.88
CA PRO A 25 7.97 5.29 -9.00
C PRO A 25 8.01 3.76 -8.98
N ASP A 26 8.92 3.18 -9.77
CA ASP A 26 9.06 1.74 -9.84
C ASP A 26 9.51 1.17 -8.50
N HIS A 27 10.39 1.89 -7.82
CA HIS A 27 10.90 1.46 -6.52
C HIS A 27 9.75 1.22 -5.53
N LEU A 28 8.91 2.24 -5.38
CA LEU A 28 7.78 2.16 -4.47
C LEU A 28 6.83 1.03 -4.88
N ASN A 29 6.54 0.97 -6.17
CA ASN A 29 5.64 -0.06 -6.69
C ASN A 29 6.05 -1.44 -6.19
N GLY A 30 7.31 -1.79 -6.38
CA GLY A 30 7.81 -3.08 -5.94
C GLY A 30 7.43 -3.38 -4.49
N HIS A 31 7.57 -2.39 -3.63
CA HIS A 31 7.24 -2.54 -2.22
C HIS A 31 5.75 -2.85 -2.03
N ILE A 32 4.92 -2.17 -2.82
CA ILE A 32 3.47 -2.37 -2.74
C ILE A 32 3.07 -3.70 -3.39
N LYS A 33 3.97 -4.25 -4.19
CA LYS A 33 3.71 -5.52 -4.87
C LYS A 33 4.53 -6.65 -4.27
N GLN A 34 5.37 -6.30 -3.29
CA GLN A 34 6.22 -7.28 -2.63
C GLN A 34 5.89 -7.39 -1.14
N VAL A 35 5.35 -6.30 -0.59
CA VAL A 35 4.99 -6.27 0.82
C VAL A 35 3.48 -6.12 0.99
N HIS A 36 2.85 -5.34 0.11
CA HIS A 36 1.42 -5.12 0.17
C HIS A 36 0.69 -6.00 -0.85
N THR A 37 1.38 -7.01 -1.36
CA THR A 37 0.81 -7.91 -2.34
C THR A 37 0.13 -9.09 -1.66
N SER A 38 -0.99 -9.53 -2.22
CA SER A 38 -1.75 -10.66 -1.67
C SER A 38 -0.83 -11.84 -1.40
N GLU A 39 -0.85 -12.32 -0.16
CA GLU A 39 -0.03 -13.46 0.23
C GLU A 39 -0.39 -13.94 1.63
N ARG A 40 -0.69 -15.23 1.75
CA ARG A 40 -1.06 -15.81 3.03
C ARG A 40 -0.77 -17.32 3.05
N PRO A 41 -0.35 -17.82 4.22
CA PRO A 41 -0.04 -19.25 4.39
C PRO A 41 -1.28 -20.12 4.34
N HIS A 42 -1.09 -21.43 4.55
CA HIS A 42 -2.20 -22.37 4.53
C HIS A 42 -3.44 -21.76 5.17
N LYS A 43 -4.48 -21.55 4.35
CA LYS A 43 -5.72 -20.97 4.84
C LYS A 43 -6.90 -21.89 4.55
N CYS A 44 -7.77 -22.07 5.53
CA CYS A 44 -8.93 -22.93 5.39
C CYS A 44 -10.21 -22.16 5.66
N GLN A 45 -10.45 -21.12 4.85
CA GLN A 45 -11.65 -20.30 5.00
C GLN A 45 -12.89 -21.04 4.50
N VAL A 46 -13.60 -21.67 5.41
CA VAL A 46 -14.81 -22.41 5.06
C VAL A 46 -15.78 -21.55 4.26
N TRP A 47 -16.49 -22.16 3.33
CA TRP A 47 -17.45 -21.45 2.50
C TRP A 47 -18.81 -22.14 2.53
N VAL A 48 -19.87 -21.34 2.47
CA VAL A 48 -21.23 -21.87 2.49
C VAL A 48 -21.31 -23.19 1.74
N SER A 49 -22.12 -24.12 2.26
CA SER A 49 -22.29 -25.43 1.64
C SER A 49 -23.35 -26.24 2.36
N GLY A 50 -23.87 -27.26 1.69
CA GLY A 50 -24.90 -28.10 2.28
C GLY A 50 -25.83 -27.32 3.19
N PRO A 51 -25.54 -27.36 4.50
CA PRO A 51 -26.35 -26.65 5.51
C PRO A 51 -26.21 -25.14 5.41
N SER A 52 -27.03 -24.52 4.58
CA SER A 52 -26.99 -23.08 4.39
C SER A 52 -27.81 -22.37 5.47
N SER A 53 -27.31 -21.23 5.94
CA SER A 53 -28.00 -20.46 6.97
C SER A 53 -28.39 -19.07 6.44
N GLY A 54 -29.65 -18.94 6.05
CA GLY A 54 -30.13 -17.67 5.53
C GLY A 54 -31.48 -17.79 4.84
#